data_5NDA
#
_entry.id   5NDA
#
_cell.length_a   1.000
_cell.length_b   1.000
_cell.length_c   1.000
_cell.angle_alpha   90.00
_cell.angle_beta   90.00
_cell.angle_gamma   90.00
#
_symmetry.space_group_name_H-M   'P 1'
#
_entity_poly.entity_id   1
_entity_poly.type   'polypeptide(L)'
_entity_poly.pdbx_seq_one_letter_code
;IPSSPVHLKRLKLLLLLLLLILLLILGALLLGL
;
_entity_poly.pdbx_strand_id   A
#
# COMPACT_ATOMS: atom_id res chain seq x y z
N ILE A 1 -3.21 -22.14 15.02
CA ILE A 1 -1.99 -21.56 15.59
C ILE A 1 -2.21 -20.04 15.66
N PRO A 2 -1.90 -19.34 16.76
CA PRO A 2 -2.10 -17.90 16.83
C PRO A 2 -1.12 -17.20 15.86
N SER A 3 -1.32 -15.91 15.63
CA SER A 3 -0.51 -15.10 14.75
C SER A 3 -0.20 -13.78 15.47
N SER A 4 1.07 -13.49 15.71
CA SER A 4 1.50 -12.27 16.39
C SER A 4 0.92 -11.04 15.68
N PRO A 5 0.49 -10.00 16.41
CA PRO A 5 -0.09 -8.80 15.79
C PRO A 5 0.90 -8.09 14.87
N VAL A 6 2.21 -8.26 15.07
CA VAL A 6 3.24 -7.64 14.24
C VAL A 6 3.11 -8.16 12.80
N HIS A 7 2.72 -9.42 12.60
CA HIS A 7 2.56 -10.01 11.27
C HIS A 7 1.42 -9.27 10.57
N LEU A 8 0.28 -9.14 11.26
CA LEU A 8 -0.91 -8.46 10.74
C LEU A 8 -0.53 -7.00 10.44
N LYS A 9 0.27 -6.36 11.31
CA LYS A 9 0.71 -4.98 11.13
C LYS A 9 1.46 -4.87 9.82
N ARG A 10 2.45 -5.74 9.55
CA ARG A 10 3.21 -5.71 8.31
C ARG A 10 2.32 -6.00 7.11
N LEU A 11 1.31 -6.88 7.24
CA LEU A 11 0.40 -7.23 6.16
C LEU A 11 -0.48 -6.05 5.81
N LYS A 12 -0.80 -5.22 6.80
CA LYS A 12 -1.62 -4.04 6.58
C LYS A 12 -0.74 -2.88 6.10
N LEU A 13 0.50 -2.77 6.58
CA LEU A 13 1.43 -1.73 6.19
C LEU A 13 1.73 -1.91 4.71
N LEU A 14 2.03 -3.15 4.28
CA LEU A 14 2.33 -3.46 2.89
C LEU A 14 1.16 -3.05 2.00
N LEU A 15 -0.07 -3.37 2.42
CA LEU A 15 -1.26 -3.01 1.65
C LEU A 15 -1.40 -1.50 1.54
N LEU A 16 -1.19 -0.77 2.66
CA LEU A 16 -1.27 0.69 2.67
C LEU A 16 -0.22 1.28 1.74
N LEU A 17 1.01 0.75 1.75
CA LEU A 17 2.09 1.21 0.91
C LEU A 17 1.73 1.00 -0.56
N LEU A 18 1.19 -0.17 -0.90
CA LEU A 18 0.77 -0.50 -2.26
C LEU A 18 -0.27 0.54 -2.69
N LEU A 19 -1.28 0.79 -1.86
CA LEU A 19 -2.32 1.77 -2.14
C LEU A 19 -1.74 3.17 -2.29
N LEU A 20 -0.74 3.54 -1.48
CA LEU A 20 -0.10 4.86 -1.56
C LEU A 20 0.58 5.00 -2.92
N ILE A 21 1.37 4.00 -3.34
CA ILE A 21 2.05 4.01 -4.62
C ILE A 21 1.01 4.08 -5.75
N LEU A 22 -0.09 3.34 -5.63
CA LEU A 22 -1.17 3.32 -6.63
C LEU A 22 -1.71 4.74 -6.75
N LEU A 23 -2.05 5.37 -5.63
CA LEU A 23 -2.58 6.73 -5.56
C LEU A 23 -1.59 7.72 -6.17
N LEU A 24 -0.29 7.54 -5.92
CA LEU A 24 0.78 8.38 -6.43
C LEU A 24 0.73 8.34 -7.97
N ILE A 25 0.72 7.13 -8.53
CA ILE A 25 0.66 6.94 -9.98
C ILE A 25 -0.65 7.47 -10.53
N LEU A 26 -1.76 7.33 -9.79
CA LEU A 26 -3.05 7.86 -10.22
C LEU A 26 -2.99 9.39 -10.29
N GLY A 27 -1.95 10.01 -9.71
CA GLY A 27 -1.72 11.45 -9.73
C GLY A 27 -1.01 11.78 -11.03
N ALA A 28 0.05 11.01 -11.35
CA ALA A 28 0.83 11.17 -12.57
C ALA A 28 -0.08 10.98 -13.79
N LEU A 29 -1.08 10.09 -13.67
CA LEU A 29 -2.06 9.78 -14.71
C LEU A 29 -2.81 11.05 -15.13
N LEU A 30 -2.97 12.04 -14.23
CA LEU A 30 -3.66 13.30 -14.53
C LEU A 30 -2.82 14.16 -15.49
N LEU A 31 -1.51 13.96 -15.52
CA LEU A 31 -0.57 14.67 -16.39
C LEU A 31 -0.43 13.90 -17.71
N GLY A 32 -0.61 12.58 -17.66
CA GLY A 32 -0.52 11.67 -18.79
C GLY A 32 0.73 10.80 -18.77
N LEU A 33 1.64 10.99 -17.80
CA LEU A 33 2.87 10.26 -17.62
C LEU A 33 3.21 10.35 -16.14
N ILE A 1 3.11 -19.62 10.21
CA ILE A 1 1.77 -18.99 10.19
C ILE A 1 1.99 -17.58 10.73
N PRO A 2 1.46 -16.52 10.10
CA PRO A 2 1.63 -15.13 10.55
C PRO A 2 0.74 -14.82 11.77
N SER A 3 0.69 -15.69 12.78
CA SER A 3 -0.12 -15.54 13.98
C SER A 3 0.23 -14.30 14.82
N SER A 4 1.51 -13.96 14.94
CA SER A 4 1.96 -12.82 15.73
C SER A 4 1.34 -11.53 15.17
N PRO A 5 0.81 -10.61 16.01
CA PRO A 5 0.18 -9.37 15.55
C PRO A 5 1.11 -8.49 14.71
N VAL A 6 2.43 -8.59 14.90
CA VAL A 6 3.39 -7.81 14.13
C VAL A 6 3.27 -8.17 12.64
N HIS A 7 2.96 -9.44 12.29
CA HIS A 7 2.82 -9.86 10.91
C HIS A 7 1.52 -9.25 10.37
N LEU A 8 0.44 -9.23 11.17
CA LEU A 8 -0.83 -8.63 10.77
C LEU A 8 -0.56 -7.15 10.45
N LYS A 9 0.20 -6.48 11.31
CA LYS A 9 0.59 -5.07 11.15
C LYS A 9 1.40 -4.92 9.87
N ARG A 10 2.39 -5.77 9.63
CA ARG A 10 3.26 -5.77 8.46
C ARG A 10 2.45 -5.93 7.18
N LEU A 11 1.39 -6.73 7.19
CA LEU A 11 0.54 -6.97 6.03
C LEU A 11 -0.29 -5.72 5.81
N LYS A 12 -0.92 -5.19 6.86
CA LYS A 12 -1.72 -3.97 6.71
C LYS A 12 -0.84 -2.80 6.24
N LEU A 13 0.41 -2.72 6.69
CA LEU A 13 1.34 -1.67 6.29
C LEU A 13 1.64 -1.84 4.81
N LEU A 14 1.89 -3.08 4.36
CA LEU A 14 2.17 -3.39 2.97
C LEU A 14 1.00 -2.95 2.10
N LEU A 15 -0.24 -3.27 2.53
CA LEU A 15 -1.46 -2.92 1.82
C LEU A 15 -1.55 -1.39 1.69
N LEU A 16 -1.37 -0.69 2.80
CA LEU A 16 -1.41 0.78 2.84
C LEU A 16 -0.37 1.35 1.87
N LEU A 17 0.85 0.82 1.86
CA LEU A 17 1.90 1.28 0.97
C LEU A 17 1.50 1.07 -0.48
N LEU A 18 0.92 -0.10 -0.84
CA LEU A 18 0.51 -0.35 -2.21
C LEU A 18 -0.53 0.69 -2.61
N LEU A 19 -1.51 0.97 -1.73
CA LEU A 19 -2.55 1.95 -1.98
C LEU A 19 -1.94 3.34 -2.17
N LEU A 20 -0.95 3.70 -1.34
CA LEU A 20 -0.26 4.98 -1.41
C LEU A 20 0.44 5.11 -2.77
N ILE A 21 1.19 4.09 -3.18
CA ILE A 21 1.90 4.08 -4.46
C ILE A 21 0.89 4.17 -5.61
N LEU A 22 -0.23 3.45 -5.54
CA LEU A 22 -1.27 3.50 -6.57
C LEU A 22 -1.79 4.91 -6.71
N LEU A 23 -2.14 5.55 -5.58
CA LEU A 23 -2.64 6.91 -5.53
C LEU A 23 -1.61 7.88 -6.11
N LEU A 24 -0.32 7.66 -5.81
CA LEU A 24 0.80 8.47 -6.29
C LEU A 24 0.81 8.43 -7.82
N ILE A 25 0.79 7.21 -8.38
CA ILE A 25 0.80 7.00 -9.82
C ILE A 25 -0.46 7.59 -10.44
N LEU A 26 -1.59 7.59 -9.73
CA LEU A 26 -2.83 8.17 -10.24
C LEU A 26 -2.65 9.68 -10.46
N GLY A 27 -1.59 10.29 -9.91
CA GLY A 27 -1.30 11.71 -10.07
C GLY A 27 -0.58 11.92 -11.39
N ALA A 28 0.33 11.01 -11.76
CA ALA A 28 1.07 11.05 -13.01
C ALA A 28 0.09 10.76 -14.15
N LEU A 29 -0.75 9.73 -13.96
CA LEU A 29 -1.75 9.29 -14.92
C LEU A 29 -2.75 10.42 -15.22
N LEU A 30 -2.95 11.35 -14.26
CA LEU A 30 -3.85 12.49 -14.39
C LEU A 30 -3.35 13.42 -15.50
N LEU A 31 -2.02 13.49 -15.70
CA LEU A 31 -1.37 14.30 -16.73
C LEU A 31 -1.16 13.46 -18.00
N GLY A 32 -1.00 12.15 -17.84
CA GLY A 32 -0.78 11.19 -18.92
C GLY A 32 0.65 10.67 -18.94
N LEU A 33 1.15 10.21 -17.79
CA LEU A 33 2.49 9.66 -17.58
C LEU A 33 2.36 8.50 -16.62
N ILE A 1 -6.10 -16.16 17.08
CA ILE A 1 -5.27 -16.93 16.13
C ILE A 1 -3.82 -16.86 16.63
N PRO A 2 -3.03 -17.93 16.52
CA PRO A 2 -1.64 -17.97 16.96
C PRO A 2 -0.71 -17.23 15.98
N SER A 3 -0.78 -15.89 15.95
CA SER A 3 0.06 -15.08 15.09
C SER A 3 0.23 -13.72 15.75
N SER A 4 1.49 -13.27 15.87
CA SER A 4 1.83 -12.00 16.49
C SER A 4 1.14 -10.83 15.78
N PRO A 5 0.68 -9.80 16.51
CA PRO A 5 -0.01 -8.65 15.91
C PRO A 5 0.91 -7.89 14.93
N VAL A 6 2.23 -7.95 15.12
CA VAL A 6 3.17 -7.27 14.24
C VAL A 6 3.07 -7.85 12.82
N HIS A 7 2.77 -9.14 12.63
CA HIS A 7 2.64 -9.73 11.31
C HIS A 7 1.36 -9.17 10.66
N LEU A 8 0.28 -9.04 11.45
CA LEU A 8 -0.99 -8.50 10.95
C LEU A 8 -0.72 -7.05 10.51
N LYS A 9 0.04 -6.30 11.32
CA LYS A 9 0.42 -4.91 11.05
C LYS A 9 1.25 -4.87 9.77
N ARG A 10 2.23 -5.75 9.62
CA ARG A 10 3.11 -5.87 8.46
C ARG A 10 2.31 -6.08 7.18
N LEU A 11 1.22 -6.85 7.23
CA LEU A 11 0.40 -7.11 6.05
C LEU A 11 -0.35 -5.83 5.74
N LYS A 12 -1.00 -5.24 6.75
CA LYS A 12 -1.74 -3.99 6.54
C LYS A 12 -0.80 -2.89 6.04
N LEU A 13 0.45 -2.84 6.49
CA LEU A 13 1.44 -1.85 6.09
C LEU A 13 1.79 -2.07 4.63
N LEU A 14 2.00 -3.33 4.23
CA LEU A 14 2.33 -3.68 2.85
C LEU A 14 1.19 -3.25 1.92
N LEU A 15 -0.05 -3.57 2.30
CA LEU A 15 -1.23 -3.22 1.53
C LEU A 15 -1.38 -1.69 1.45
N LEU A 16 -1.16 -0.99 2.56
CA LEU A 16 -1.25 0.46 2.63
C LEU A 16 -0.23 1.07 1.67
N LEU A 17 1.01 0.57 1.66
CA LEU A 17 2.05 1.07 0.79
C LEU A 17 1.68 0.84 -0.67
N LEU A 18 1.14 -0.33 -1.01
CA LEU A 18 0.72 -0.67 -2.36
C LEU A 18 -0.28 0.39 -2.83
N LEU A 19 -1.33 0.60 -2.03
CA LEU A 19 -2.37 1.58 -2.31
C LEU A 19 -1.79 2.99 -2.41
N LEU A 20 -0.89 3.38 -1.50
CA LEU A 20 -0.27 4.70 -1.49
C LEU A 20 0.50 4.93 -2.77
N ILE A 21 1.36 3.99 -3.18
CA ILE A 21 2.14 4.12 -4.40
C ILE A 21 1.21 4.15 -5.62
N LEU A 22 0.13 3.34 -5.62
CA LEU A 22 -0.83 3.31 -6.72
C LEU A 22 -1.45 4.70 -6.86
N LEU A 23 -1.92 5.26 -5.75
CA LEU A 23 -2.53 6.58 -5.67
C LEU A 23 -1.54 7.64 -6.15
N LEU A 24 -0.27 7.53 -5.74
CA LEU A 24 0.80 8.45 -6.12
C LEU A 24 0.93 8.46 -7.64
N ILE A 25 1.06 7.26 -8.24
CA ILE A 25 1.19 7.10 -9.68
C ILE A 25 -0.06 7.58 -10.40
N LEU A 26 -1.24 7.47 -9.79
CA LEU A 26 -2.47 7.96 -10.41
C LEU A 26 -2.38 9.48 -10.59
N GLY A 27 -1.44 10.15 -9.90
CA GLY A 27 -1.25 11.59 -10.02
C GLY A 27 -0.72 11.92 -11.41
N ALA A 28 0.13 11.04 -11.98
CA ALA A 28 0.68 11.24 -13.32
C ALA A 28 -0.49 11.20 -14.30
N LEU A 29 -1.37 10.20 -14.19
CA LEU A 29 -2.53 10.05 -15.05
C LEU A 29 -3.48 11.25 -14.91
N LEU A 30 -3.53 11.85 -13.72
CA LEU A 30 -4.36 13.01 -13.38
C LEU A 30 -3.75 14.34 -13.86
N LEU A 31 -2.47 14.38 -14.26
CA LEU A 31 -1.80 15.61 -14.72
C LEU A 31 -1.37 15.54 -16.19
N GLY A 32 -1.09 14.34 -16.69
CA GLY A 32 -0.66 14.06 -18.05
C GLY A 32 0.78 13.51 -18.10
N LEU A 33 1.54 13.63 -17.02
CA LEU A 33 2.92 13.17 -16.85
C LEU A 33 3.13 13.06 -15.34
N ILE A 1 -1.51 -21.56 14.46
CA ILE A 1 -0.93 -20.40 13.74
C ILE A 1 -0.56 -19.39 14.83
N PRO A 2 0.62 -18.76 14.81
CA PRO A 2 1.00 -17.79 15.83
C PRO A 2 0.09 -16.55 15.82
N SER A 3 -0.34 -16.10 14.64
CA SER A 3 -1.23 -14.96 14.44
C SER A 3 -0.80 -13.66 15.14
N SER A 4 0.48 -13.52 15.47
CA SER A 4 1.06 -12.36 16.15
C SER A 4 0.61 -11.05 15.50
N PRO A 5 0.32 -9.99 16.28
CA PRO A 5 -0.13 -8.71 15.73
C PRO A 5 0.87 -8.10 14.75
N VAL A 6 2.18 -8.36 14.92
CA VAL A 6 3.20 -7.84 14.01
C VAL A 6 3.01 -8.41 12.60
N HIS A 7 2.47 -9.63 12.44
CA HIS A 7 2.24 -10.23 11.13
C HIS A 7 1.10 -9.44 10.48
N LEU A 8 0.01 -9.24 11.23
CA LEU A 8 -1.15 -8.49 10.76
C LEU A 8 -0.69 -7.09 10.36
N LYS A 9 0.18 -6.47 11.17
CA LYS A 9 0.74 -5.15 10.93
C LYS A 9 1.52 -5.16 9.63
N ARG A 10 2.39 -6.16 9.38
CA ARG A 10 3.16 -6.24 8.14
C ARG A 10 2.24 -6.31 6.92
N LEU A 11 1.09 -6.99 6.98
CA LEU A 11 0.20 -7.09 5.84
C LEU A 11 -0.45 -5.73 5.63
N LYS A 12 -0.96 -5.15 6.70
CA LYS A 12 -1.60 -3.83 6.61
C LYS A 12 -0.61 -2.74 6.16
N LEU A 13 0.66 -2.84 6.56
CA LEU A 13 1.69 -1.88 6.19
C LEU A 13 1.94 -2.00 4.68
N LEU A 14 2.13 -3.22 4.18
CA LEU A 14 2.37 -3.48 2.76
C LEU A 14 1.20 -2.94 1.95
N LEU A 15 -0.04 -3.26 2.36
CA LEU A 15 -1.25 -2.81 1.68
C LEU A 15 -1.32 -1.28 1.66
N LEU A 16 -1.06 -0.62 2.80
CA LEU A 16 -1.10 0.83 2.89
C LEU A 16 -0.05 1.45 1.96
N LEU A 17 1.17 0.93 1.95
CA LEU A 17 2.24 1.43 1.11
C LEU A 17 1.88 1.25 -0.37
N LEU A 18 1.35 0.09 -0.74
CA LEU A 18 0.95 -0.21 -2.10
C LEU A 18 -0.12 0.81 -2.50
N LEU A 19 -1.12 1.04 -1.64
CA LEU A 19 -2.19 2.00 -1.88
C LEU A 19 -1.62 3.40 -2.05
N LEU A 20 -0.64 3.79 -1.23
CA LEU A 20 -0.02 5.11 -1.31
C LEU A 20 0.66 5.28 -2.67
N ILE A 21 1.48 4.32 -3.08
CA ILE A 21 2.19 4.36 -4.36
C ILE A 21 1.16 4.37 -5.50
N LEU A 22 0.08 3.59 -5.39
CA LEU A 22 -0.98 3.53 -6.40
C LEU A 22 -1.58 4.92 -6.56
N LEU A 23 -1.98 5.54 -5.45
CA LEU A 23 -2.56 6.88 -5.41
C LEU A 23 -1.60 7.90 -6.01
N LEU A 24 -0.30 7.77 -5.73
CA LEU A 24 0.76 8.65 -6.23
C LEU A 24 0.75 8.59 -7.76
N ILE A 25 0.91 7.40 -8.33
CA ILE A 25 0.93 7.21 -9.77
C ILE A 25 -0.42 7.55 -10.40
N LEU A 26 -1.53 7.40 -9.66
CA LEU A 26 -2.85 7.75 -10.16
C LEU A 26 -2.92 9.26 -10.42
N GLY A 27 -1.98 10.05 -9.86
CA GLY A 27 -1.93 11.49 -10.07
C GLY A 27 -1.28 11.73 -11.42
N ALA A 28 -0.12 11.10 -11.64
CA ALA A 28 0.64 11.20 -12.89
C ALA A 28 -0.23 10.75 -14.07
N LEU A 29 -1.01 9.68 -13.89
CA LEU A 29 -1.90 9.14 -14.91
C LEU A 29 -3.01 10.14 -15.31
N LEU A 30 -3.25 11.19 -14.53
CA LEU A 30 -4.24 12.22 -14.81
C LEU A 30 -3.60 13.50 -15.37
N LEU A 31 -2.27 13.57 -15.45
CA LEU A 31 -1.53 14.72 -15.96
C LEU A 31 -0.71 14.38 -17.21
N GLY A 32 -0.28 13.13 -17.34
CA GLY A 32 0.51 12.61 -18.45
C GLY A 32 1.99 12.47 -18.12
N LEU A 33 2.44 12.90 -16.93
CA LEU A 33 3.80 12.85 -16.41
C LEU A 33 3.65 12.68 -14.91
N ILE A 1 -1.25 -21.38 12.94
CA ILE A 1 -1.08 -20.10 12.23
C ILE A 1 -0.34 -19.19 13.21
N PRO A 2 0.70 -18.44 12.80
CA PRO A 2 1.44 -17.57 13.71
C PRO A 2 0.54 -16.46 14.29
N SER A 3 -0.24 -15.79 13.44
CA SER A 3 -1.18 -14.72 13.76
C SER A 3 -0.63 -13.58 14.65
N SER A 4 0.69 -13.49 14.83
CA SER A 4 1.36 -12.49 15.65
C SER A 4 0.92 -11.07 15.22
N PRO A 5 0.65 -10.14 16.16
CA PRO A 5 0.22 -8.79 15.83
C PRO A 5 1.19 -8.05 14.91
N VAL A 6 2.50 -8.29 15.04
CA VAL A 6 3.50 -7.64 14.19
C VAL A 6 3.23 -8.08 12.74
N HIS A 7 2.98 -9.37 12.49
CA HIS A 7 2.69 -9.86 11.14
C HIS A 7 1.40 -9.25 10.63
N LEU A 8 0.36 -9.13 11.47
CA LEU A 8 -0.91 -8.53 11.06
C LEU A 8 -0.62 -7.09 10.62
N LYS A 9 0.19 -6.36 11.40
CA LYS A 9 0.59 -4.98 11.12
C LYS A 9 1.29 -4.93 9.77
N ARG A 10 2.29 -5.80 9.54
CA ARG A 10 3.05 -5.87 8.29
C ARG A 10 2.14 -6.19 7.10
N LEU A 11 1.11 -7.03 7.28
CA LEU A 11 0.20 -7.41 6.21
C LEU A 11 -0.71 -6.24 5.87
N LYS A 12 -0.98 -5.35 6.83
CA LYS A 12 -1.83 -4.19 6.59
C LYS A 12 -0.98 -3.05 6.02
N LEU A 13 0.24 -2.88 6.51
CA LEU A 13 1.20 -1.87 6.09
C LEU A 13 1.50 -2.07 4.63
N LEU A 14 1.79 -3.31 4.21
CA LEU A 14 2.09 -3.63 2.82
C LEU A 14 0.97 -3.15 1.90
N LEU A 15 -0.30 -3.34 2.32
CA LEU A 15 -1.42 -2.90 1.48
C LEU A 15 -1.51 -1.38 1.46
N LEU A 16 -1.36 -0.73 2.61
CA LEU A 16 -1.42 0.74 2.70
C LEU A 16 -0.32 1.35 1.83
N LEU A 17 0.88 0.79 1.85
CA LEU A 17 2.02 1.25 1.08
C LEU A 17 1.75 1.07 -0.41
N LEU A 18 1.23 -0.09 -0.82
CA LEU A 18 0.89 -0.37 -2.20
C LEU A 18 -0.14 0.66 -2.66
N LEU A 19 -1.17 0.91 -1.84
CA LEU A 19 -2.21 1.87 -2.15
C LEU A 19 -1.62 3.28 -2.27
N LEU A 20 -0.66 3.65 -1.42
CA LEU A 20 -0.03 4.97 -1.48
C LEU A 20 0.67 5.13 -2.81
N ILE A 21 1.47 4.14 -3.21
CA ILE A 21 2.20 4.16 -4.48
C ILE A 21 1.20 4.26 -5.63
N LEU A 22 0.12 3.47 -5.60
CA LEU A 22 -0.92 3.47 -6.62
C LEU A 22 -1.52 4.87 -6.75
N LEU A 23 -1.92 5.46 -5.63
CA LEU A 23 -2.50 6.79 -5.55
C LEU A 23 -1.55 7.84 -6.12
N LEU A 24 -0.26 7.73 -5.81
CA LEU A 24 0.76 8.66 -6.31
C LEU A 24 0.84 8.56 -7.83
N ILE A 25 0.91 7.33 -8.37
CA ILE A 25 1.00 7.13 -9.82
C ILE A 25 -0.30 7.60 -10.49
N LEU A 26 -1.44 7.48 -9.81
CA LEU A 26 -2.70 7.94 -10.37
C LEU A 26 -2.64 9.46 -10.55
N GLY A 27 -1.68 10.16 -9.91
CA GLY A 27 -1.53 11.60 -10.03
C GLY A 27 -0.78 11.94 -11.32
N ALA A 28 0.07 11.03 -11.80
CA ALA A 28 0.82 11.20 -13.03
C ALA A 28 -0.20 11.02 -14.17
N LEU A 29 -0.99 9.93 -14.09
CA LEU A 29 -2.02 9.62 -15.08
C LEU A 29 -3.03 10.76 -15.16
N LEU A 30 -3.36 11.38 -14.03
CA LEU A 30 -4.29 12.51 -13.89
C LEU A 30 -3.75 13.74 -14.65
N LEU A 31 -2.45 13.82 -14.90
CA LEU A 31 -1.76 14.89 -15.61
C LEU A 31 -1.41 14.47 -17.04
N GLY A 32 -1.61 13.19 -17.41
CA GLY A 32 -1.32 12.66 -18.74
C GLY A 32 0.09 12.06 -18.88
N LEU A 33 0.64 11.46 -17.82
CA LEU A 33 1.97 10.84 -17.83
C LEU A 33 1.86 9.46 -17.19
N ILE A 1 -5.68 -19.00 10.64
CA ILE A 1 -4.82 -19.37 11.77
C ILE A 1 -4.25 -18.06 12.34
N PRO A 2 -4.23 -17.84 13.66
CA PRO A 2 -3.67 -16.61 14.21
C PRO A 2 -2.15 -16.60 14.01
N SER A 3 -1.52 -15.45 14.25
CA SER A 3 -0.08 -15.26 14.12
C SER A 3 0.29 -14.02 14.95
N SER A 4 1.58 -13.78 15.16
CA SER A 4 2.08 -12.65 15.93
C SER A 4 1.50 -11.34 15.37
N PRO A 5 1.08 -10.39 16.23
CA PRO A 5 0.50 -9.13 15.77
C PRO A 5 1.40 -8.33 14.84
N VAL A 6 2.72 -8.44 14.97
CA VAL A 6 3.66 -7.72 14.10
C VAL A 6 3.51 -8.16 12.64
N HIS A 7 3.22 -9.44 12.38
CA HIS A 7 3.04 -9.95 11.03
C HIS A 7 1.73 -9.37 10.49
N LEU A 8 0.65 -9.43 11.28
CA LEU A 8 -0.64 -8.90 10.89
C LEU A 8 -0.47 -7.41 10.55
N LYS A 9 0.28 -6.68 11.37
CA LYS A 9 0.56 -5.26 11.16
C LYS A 9 1.26 -5.08 9.81
N ARG A 10 2.35 -5.82 9.55
CA ARG A 10 3.07 -5.74 8.29
C ARG A 10 2.18 -6.08 7.09
N LEU A 11 1.25 -7.02 7.23
CA LEU A 11 0.37 -7.44 6.13
C LEU A 11 -0.62 -6.33 5.83
N LYS A 12 -0.97 -5.51 6.82
CA LYS A 12 -1.87 -4.38 6.63
C LYS A 12 -1.09 -3.17 6.13
N LEU A 13 0.09 -2.93 6.66
CA LEU A 13 0.97 -1.83 6.29
C LEU A 13 1.33 -1.94 4.82
N LEU A 14 1.64 -3.16 4.36
CA LEU A 14 1.98 -3.41 2.96
C LEU A 14 0.83 -2.97 2.06
N LEU A 15 -0.42 -3.25 2.46
CA LEU A 15 -1.57 -2.84 1.63
C LEU A 15 -1.71 -1.34 1.65
N LEU A 16 -1.59 -0.70 2.82
CA LEU A 16 -1.71 0.77 2.92
C LEU A 16 -0.63 1.43 2.07
N LEU A 17 0.61 0.93 2.11
CA LEU A 17 1.72 1.45 1.34
C LEU A 17 1.48 1.26 -0.15
N LEU A 18 1.00 0.08 -0.57
CA LEU A 18 0.72 -0.21 -1.96
C LEU A 18 -0.35 0.77 -2.44
N LEU A 19 -1.40 1.01 -1.65
CA LEU A 19 -2.47 1.94 -1.98
C LEU A 19 -1.90 3.36 -2.10
N LEU A 20 -1.00 3.76 -1.20
CA LEU A 20 -0.40 5.09 -1.24
C LEU A 20 0.40 5.27 -2.53
N ILE A 21 1.23 4.27 -2.90
CA ILE A 21 2.03 4.32 -4.11
C ILE A 21 1.08 4.34 -5.33
N LEU A 22 0.01 3.56 -5.32
CA LEU A 22 -0.96 3.52 -6.42
C LEU A 22 -1.54 4.91 -6.61
N LEU A 23 -2.00 5.52 -5.51
CA LEU A 23 -2.58 6.86 -5.48
C LEU A 23 -1.58 7.87 -6.02
N LEU A 24 -0.30 7.75 -5.66
CA LEU A 24 0.78 8.61 -6.10
C LEU A 24 0.89 8.54 -7.62
N ILE A 25 1.04 7.32 -8.15
CA ILE A 25 1.16 7.08 -9.60
C ILE A 25 -0.12 7.49 -10.32
N LEU A 26 -1.28 7.54 -9.65
CA LEU A 26 -2.52 7.97 -10.28
C LEU A 26 -2.40 9.44 -10.71
N GLY A 27 -1.43 10.19 -10.16
CA GLY A 27 -1.20 11.57 -10.51
C GLY A 27 -0.65 11.67 -11.93
N ALA A 28 0.20 10.72 -12.34
CA ALA A 28 0.79 10.68 -13.67
C ALA A 28 -0.32 10.53 -14.71
N LEU A 29 -1.41 9.81 -14.36
CA LEU A 29 -2.55 9.59 -15.23
C LEU A 29 -3.27 10.91 -15.57
N LEU A 30 -3.00 12.00 -14.83
CA LEU A 30 -3.59 13.32 -15.04
C LEU A 30 -2.63 14.27 -15.76
N LEU A 31 -1.37 13.88 -16.00
CA LEU A 31 -0.38 14.73 -16.67
C LEU A 31 0.19 14.09 -17.94
N GLY A 32 0.24 12.76 -18.00
CA GLY A 32 0.75 11.98 -19.11
C GLY A 32 2.15 11.39 -18.82
N LEU A 33 2.74 11.71 -17.67
CA LEU A 33 4.04 11.26 -17.20
C LEU A 33 3.99 11.36 -15.68
N ILE A 1 6.13 -16.04 12.50
CA ILE A 1 4.99 -16.82 11.96
C ILE A 1 3.75 -15.96 12.16
N PRO A 2 2.90 -15.77 11.13
CA PRO A 2 1.70 -14.95 11.22
C PRO A 2 0.82 -15.43 12.38
N SER A 3 0.83 -14.67 13.47
CA SER A 3 0.09 -14.91 14.69
C SER A 3 0.20 -13.61 15.49
N SER A 4 1.42 -13.23 15.90
CA SER A 4 1.66 -12.02 16.67
C SER A 4 1.11 -10.81 15.89
N PRO A 5 0.48 -9.82 16.55
CA PRO A 5 -0.11 -8.65 15.89
C PRO A 5 0.86 -7.88 14.98
N VAL A 6 2.17 -7.91 15.23
CA VAL A 6 3.14 -7.21 14.41
C VAL A 6 3.09 -7.78 12.97
N HIS A 7 2.83 -9.09 12.80
CA HIS A 7 2.74 -9.72 11.49
C HIS A 7 1.51 -9.16 10.77
N LEU A 8 0.37 -9.10 11.48
CA LEU A 8 -0.88 -8.57 10.94
C LEU A 8 -0.64 -7.13 10.52
N LYS A 9 0.09 -6.35 11.33
CA LYS A 9 0.43 -4.96 11.04
C LYS A 9 1.25 -4.93 9.76
N ARG A 10 2.28 -5.78 9.61
CA ARG A 10 3.11 -5.84 8.42
C ARG A 10 2.30 -6.10 7.16
N LEU A 11 1.23 -6.90 7.23
CA LEU A 11 0.40 -7.22 6.09
C LEU A 11 -0.38 -5.96 5.73
N LYS A 12 -1.03 -5.37 6.73
CA LYS A 12 -1.80 -4.14 6.48
C LYS A 12 -0.89 -3.00 6.01
N LEU A 13 0.34 -2.92 6.50
CA LEU A 13 1.31 -1.89 6.11
C LEU A 13 1.68 -2.09 4.65
N LEU A 14 1.94 -3.33 4.24
CA LEU A 14 2.29 -3.65 2.86
C LEU A 14 1.15 -3.22 1.94
N LEU A 15 -0.10 -3.53 2.31
CA LEU A 15 -1.26 -3.14 1.50
C LEU A 15 -1.34 -1.62 1.40
N LEU A 16 -1.14 -0.92 2.52
CA LEU A 16 -1.18 0.55 2.54
C LEU A 16 -0.09 1.12 1.65
N LEU A 17 1.10 0.51 1.62
CA LEU A 17 2.21 0.96 0.79
C LEU A 17 1.81 0.81 -0.66
N LEU A 18 1.28 -0.34 -1.06
CA LEU A 18 0.85 -0.58 -2.44
C LEU A 18 -0.19 0.48 -2.82
N LEU A 19 -1.15 0.75 -1.93
CA LEU A 19 -2.19 1.74 -2.16
C LEU A 19 -1.58 3.14 -2.31
N LEU A 20 -0.56 3.48 -1.53
CA LEU A 20 0.11 4.78 -1.61
C LEU A 20 0.77 4.93 -2.97
N ILE A 21 1.51 3.91 -3.43
CA ILE A 21 2.19 3.95 -4.73
C ILE A 21 1.12 4.03 -5.83
N LEU A 22 0.01 3.29 -5.70
CA LEU A 22 -1.07 3.33 -6.68
C LEU A 22 -1.61 4.74 -6.78
N LEU A 23 -1.92 5.36 -5.64
CA LEU A 23 -2.41 6.72 -5.53
C LEU A 23 -1.44 7.71 -6.16
N LEU A 24 -0.13 7.50 -5.97
CA LEU A 24 0.93 8.34 -6.51
C LEU A 24 0.81 8.33 -8.03
N ILE A 25 0.80 7.15 -8.64
CA ILE A 25 0.69 7.00 -10.09
C ILE A 25 -0.67 7.52 -10.58
N LEU A 26 -1.73 7.38 -9.78
CA LEU A 26 -3.05 7.89 -10.14
C LEU A 26 -3.00 9.42 -10.22
N GLY A 27 -1.95 10.04 -9.66
CA GLY A 27 -1.73 11.49 -9.66
C GLY A 27 -1.04 11.83 -10.98
N ALA A 28 0.00 11.08 -11.34
CA ALA A 28 0.74 11.26 -12.59
C ALA A 28 -0.24 11.18 -13.76
N LEU A 29 -1.19 10.24 -13.68
CA LEU A 29 -2.22 10.02 -14.69
C LEU A 29 -3.10 11.25 -14.94
N LEU A 30 -3.13 12.24 -14.03
CA LEU A 30 -3.92 13.46 -14.21
C LEU A 30 -3.26 14.42 -15.20
N LEU A 31 -1.94 14.32 -15.40
CA LEU A 31 -1.18 15.17 -16.32
C LEU A 31 -0.44 14.38 -17.40
N GLY A 32 -0.28 13.06 -17.25
CA GLY A 32 0.41 12.20 -18.18
C GLY A 32 1.91 12.08 -17.93
N LEU A 33 2.41 12.50 -16.76
CA LEU A 33 3.81 12.45 -16.36
C LEU A 33 3.85 12.24 -14.86
N ILE A 1 2.93 -20.56 9.23
CA ILE A 1 1.80 -19.79 8.68
C ILE A 1 1.92 -18.37 9.25
N PRO A 2 1.81 -17.31 8.42
CA PRO A 2 1.93 -15.92 8.87
C PRO A 2 0.68 -15.45 9.64
N SER A 3 0.36 -16.06 10.78
CA SER A 3 -0.80 -15.73 11.59
C SER A 3 -0.47 -14.90 12.83
N SER A 4 0.79 -14.81 13.25
CA SER A 4 1.17 -14.02 14.43
C SER A 4 0.78 -12.54 14.18
N PRO A 5 0.45 -11.75 15.21
CA PRO A 5 0.02 -10.35 15.05
C PRO A 5 0.98 -9.46 14.23
N VAL A 6 2.29 -9.73 14.25
CA VAL A 6 3.26 -8.94 13.48
C VAL A 6 2.98 -9.06 11.98
N HIS A 7 2.45 -10.20 11.51
CA HIS A 7 2.13 -10.41 10.11
C HIS A 7 0.95 -9.53 9.75
N LEU A 8 -0.12 -9.57 10.57
CA LEU A 8 -1.33 -8.76 10.35
C LEU A 8 -0.90 -7.30 10.24
N LYS A 9 -0.01 -6.86 11.15
CA LYS A 9 0.51 -5.49 11.17
C LYS A 9 1.24 -5.23 9.85
N ARG A 10 2.21 -6.06 9.47
CA ARG A 10 2.96 -5.88 8.22
C ARG A 10 2.04 -5.90 7.00
N LEU A 11 0.96 -6.68 6.98
CA LEU A 11 0.04 -6.76 5.84
C LEU A 11 -0.78 -5.49 5.75
N LYS A 12 -0.96 -4.78 6.86
CA LYS A 12 -1.68 -3.52 6.87
C LYS A 12 -0.73 -2.39 6.48
N LEU A 13 0.50 -2.42 6.97
CA LEU A 13 1.52 -1.41 6.68
C LEU A 13 1.89 -1.47 5.20
N LEU A 14 2.25 -2.66 4.69
CA LEU A 14 2.63 -2.85 3.31
C LEU A 14 1.50 -2.43 2.37
N LEU A 15 0.27 -2.81 2.68
CA LEU A 15 -0.84 -2.43 1.79
C LEU A 15 -1.13 -0.93 1.87
N LEU A 16 -0.95 -0.28 3.03
CA LEU A 16 -1.18 1.15 3.16
C LEU A 16 -0.11 1.88 2.33
N LEU A 17 1.14 1.42 2.41
CA LEU A 17 2.25 2.00 1.68
C LEU A 17 2.01 1.83 0.18
N LEU A 18 1.58 0.64 -0.26
CA LEU A 18 1.28 0.38 -1.65
C LEU A 18 0.17 1.33 -2.11
N LEU A 19 -0.87 1.51 -1.29
CA LEU A 19 -1.98 2.41 -1.59
C LEU A 19 -1.47 3.84 -1.72
N LEU A 20 -0.52 4.28 -0.88
CA LEU A 20 0.02 5.63 -0.96
C LEU A 20 0.75 5.80 -2.30
N ILE A 21 1.56 4.81 -2.71
CA ILE A 21 2.27 4.86 -3.98
C ILE A 21 1.23 4.92 -5.11
N LEU A 22 0.19 4.08 -5.05
CA LEU A 22 -0.87 4.05 -6.06
C LEU A 22 -1.52 5.42 -6.19
N LEU A 23 -1.86 6.02 -5.05
CA LEU A 23 -2.49 7.34 -4.96
C LEU A 23 -1.62 8.38 -5.68
N LEU A 24 -0.30 8.35 -5.48
CA LEU A 24 0.62 9.27 -6.12
C LEU A 24 0.65 8.99 -7.63
N ILE A 25 0.76 7.72 -8.02
CA ILE A 25 0.80 7.27 -9.40
C ILE A 25 -0.51 7.63 -10.13
N LEU A 26 -1.61 7.84 -9.40
CA LEU A 26 -2.90 8.22 -9.98
C LEU A 26 -2.72 9.54 -10.77
N GLY A 27 -1.70 10.35 -10.44
CA GLY A 27 -1.41 11.60 -11.13
C GLY A 27 -0.92 11.27 -12.53
N ALA A 28 0.06 10.38 -12.65
CA ALA A 28 0.62 9.95 -13.92
C ALA A 28 -0.48 9.28 -14.75
N LEU A 29 -1.31 8.45 -14.11
CA LEU A 29 -2.40 7.74 -14.77
C LEU A 29 -3.42 8.69 -15.43
N LEU A 30 -3.54 9.94 -14.96
CA LEU A 30 -4.47 10.91 -15.55
C LEU A 30 -3.74 11.92 -16.44
N LEU A 31 -2.41 11.90 -16.48
CA LEU A 31 -1.57 12.79 -17.29
C LEU A 31 -1.06 12.08 -18.55
N GLY A 32 -0.89 10.76 -18.49
CA GLY A 32 -0.40 9.93 -19.58
C GLY A 32 1.10 9.62 -19.48
N LEU A 33 1.79 10.15 -18.47
CA LEU A 33 3.21 9.98 -18.18
C LEU A 33 3.37 10.21 -16.68
N ILE A 1 -7.94 -16.36 7.10
CA ILE A 1 -6.93 -17.15 7.82
C ILE A 1 -6.20 -16.17 8.73
N PRO A 2 -5.97 -16.48 10.03
CA PRO A 2 -5.26 -15.60 10.94
C PRO A 2 -3.76 -15.58 10.59
N SER A 3 -2.99 -14.75 11.28
CA SER A 3 -1.55 -14.62 11.09
C SER A 3 -0.96 -14.05 12.39
N SER A 4 0.37 -13.98 12.48
CA SER A 4 1.05 -13.45 13.66
C SER A 4 0.62 -11.98 13.86
N PRO A 5 0.64 -11.42 15.08
CA PRO A 5 0.25 -10.03 15.29
C PRO A 5 1.15 -9.09 14.47
N VAL A 6 2.46 -9.35 14.47
CA VAL A 6 3.42 -8.56 13.71
C VAL A 6 3.15 -8.73 12.20
N HIS A 7 2.67 -9.90 11.74
CA HIS A 7 2.36 -10.12 10.34
C HIS A 7 1.12 -9.32 9.97
N LEU A 8 0.10 -9.28 10.82
CA LEU A 8 -1.10 -8.49 10.55
C LEU A 8 -0.67 -7.03 10.42
N LYS A 9 0.25 -6.57 11.29
CA LYS A 9 0.80 -5.21 11.27
C LYS A 9 1.50 -4.98 9.93
N ARG A 10 2.42 -5.89 9.54
CA ARG A 10 3.18 -5.83 8.30
C ARG A 10 2.26 -5.83 7.08
N LEU A 11 1.15 -6.56 7.11
CA LEU A 11 0.20 -6.64 6.00
C LEU A 11 -0.53 -5.30 5.91
N LYS A 12 -0.87 -4.71 7.06
CA LYS A 12 -1.54 -3.41 7.07
C LYS A 12 -0.58 -2.35 6.51
N LEU A 13 0.69 -2.38 6.90
CA LEU A 13 1.70 -1.43 6.46
C LEU A 13 1.87 -1.58 4.95
N LEU A 14 2.15 -2.79 4.48
CA LEU A 14 2.35 -3.09 3.06
C LEU A 14 1.14 -2.67 2.24
N LEU A 15 -0.08 -2.96 2.69
CA LEU A 15 -1.28 -2.60 1.94
C LEU A 15 -1.49 -1.09 1.92
N LEU A 16 -1.20 -0.38 3.02
CA LEU A 16 -1.34 1.07 3.05
C LEU A 16 -0.32 1.69 2.11
N LEU A 17 0.92 1.18 2.12
CA LEU A 17 1.98 1.67 1.25
C LEU A 17 1.61 1.42 -0.21
N LEU A 18 1.08 0.24 -0.54
CA LEU A 18 0.67 -0.09 -1.89
C LEU A 18 -0.39 0.91 -2.34
N LEU A 19 -1.38 1.18 -1.47
CA LEU A 19 -2.44 2.13 -1.77
C LEU A 19 -1.87 3.53 -1.98
N LEU A 20 -0.89 3.94 -1.16
CA LEU A 20 -0.25 5.25 -1.28
C LEU A 20 0.45 5.35 -2.64
N ILE A 21 1.25 4.35 -3.01
CA ILE A 21 1.96 4.33 -4.27
C ILE A 21 0.95 4.36 -5.42
N LEU A 22 -0.13 3.60 -5.34
CA LEU A 22 -1.18 3.56 -6.37
C LEU A 22 -1.76 4.96 -6.54
N LEU A 23 -2.15 5.59 -5.44
CA LEU A 23 -2.72 6.93 -5.42
C LEU A 23 -1.75 7.95 -6.02
N LEU A 24 -0.46 7.84 -5.71
CA LEU A 24 0.57 8.72 -6.24
C LEU A 24 0.67 8.55 -7.74
N ILE A 25 0.73 7.30 -8.23
CA ILE A 25 0.83 7.02 -9.66
C ILE A 25 -0.43 7.49 -10.37
N LEU A 26 -1.60 7.44 -9.74
CA LEU A 26 -2.83 7.92 -10.35
C LEU A 26 -2.71 9.44 -10.63
N GLY A 27 -1.74 10.11 -9.99
CA GLY A 27 -1.50 11.54 -10.16
C GLY A 27 -0.67 11.80 -11.41
N ALA A 28 0.14 10.83 -11.82
CA ALA A 28 0.97 10.88 -13.02
C ALA A 28 0.10 10.45 -14.20
N LEU A 29 -0.63 9.34 -14.03
CA LEU A 29 -1.51 8.75 -15.02
C LEU A 29 -2.54 9.74 -15.55
N LEU A 30 -3.12 10.57 -14.68
CA LEU A 30 -4.11 11.57 -15.09
C LEU A 30 -3.52 12.67 -16.00
N LEU A 31 -2.19 12.70 -16.15
CA LEU A 31 -1.41 13.64 -16.96
C LEU A 31 -0.72 12.89 -18.11
N GLY A 32 -0.88 11.56 -18.21
CA GLY A 32 -0.26 10.74 -19.24
C GLY A 32 1.21 10.44 -18.94
N LEU A 33 1.56 10.28 -17.65
CA LEU A 33 2.89 10.00 -17.15
C LEU A 33 2.82 8.81 -16.18
N ILE A 1 0.79 -19.91 10.10
CA ILE A 1 -0.25 -18.96 9.69
C ILE A 1 0.25 -17.54 9.93
N PRO A 2 -0.06 -16.56 9.07
CA PRO A 2 0.38 -15.17 9.19
C PRO A 2 -0.36 -14.35 10.28
N SER A 3 -1.22 -14.99 11.07
CA SER A 3 -2.04 -14.40 12.12
C SER A 3 -1.27 -13.72 13.28
N SER A 4 0.06 -13.69 13.31
CA SER A 4 0.79 -13.02 14.39
C SER A 4 0.40 -11.54 14.39
N PRO A 5 0.30 -10.84 15.53
CA PRO A 5 -0.08 -9.43 15.56
C PRO A 5 0.87 -8.59 14.69
N VAL A 6 2.18 -8.78 14.82
CA VAL A 6 3.16 -8.04 14.03
C VAL A 6 3.05 -8.40 12.54
N HIS A 7 2.69 -9.65 12.18
CA HIS A 7 2.55 -10.03 10.78
C HIS A 7 1.30 -9.37 10.21
N LEU A 8 0.20 -9.34 10.98
CA LEU A 8 -1.02 -8.69 10.55
C LEU A 8 -0.70 -7.21 10.32
N LYS A 9 0.10 -6.60 11.22
CA LYS A 9 0.53 -5.21 11.13
C LYS A 9 1.36 -5.02 9.86
N ARG A 10 2.36 -5.87 9.59
CA ARG A 10 3.21 -5.79 8.42
C ARG A 10 2.39 -5.92 7.14
N LEU A 11 1.32 -6.73 7.12
CA LEU A 11 0.49 -6.90 5.94
C LEU A 11 -0.28 -5.61 5.74
N LYS A 12 -0.87 -5.07 6.80
CA LYS A 12 -1.61 -3.82 6.69
C LYS A 12 -0.69 -2.67 6.29
N LEU A 13 0.57 -2.65 6.75
CA LEU A 13 1.53 -1.61 6.40
C LEU A 13 1.86 -1.73 4.91
N LEU A 14 2.11 -2.95 4.43
CA LEU A 14 2.41 -3.22 3.03
C LEU A 14 1.24 -2.75 2.15
N LEU A 15 0.00 -3.09 2.54
CA LEU A 15 -1.19 -2.69 1.80
C LEU A 15 -1.32 -1.16 1.78
N LEU A 16 -1.03 -0.49 2.90
CA LEU A 16 -1.10 0.97 2.98
C LEU A 16 -0.07 1.58 2.03
N LEU A 17 1.16 1.06 2.02
CA LEU A 17 2.22 1.54 1.14
C LEU A 17 1.82 1.32 -0.31
N LEU A 18 1.28 0.15 -0.65
CA LEU A 18 0.84 -0.17 -2.00
C LEU A 18 -0.23 0.84 -2.41
N LEU A 19 -1.18 1.14 -1.52
CA LEU A 19 -2.25 2.10 -1.78
C LEU A 19 -1.65 3.48 -2.01
N LEU A 20 -0.63 3.89 -1.24
CA LEU A 20 0.02 5.18 -1.39
C LEU A 20 0.69 5.27 -2.77
N ILE A 21 1.38 4.20 -3.19
CA ILE A 21 2.06 4.13 -4.48
C ILE A 21 0.99 4.22 -5.59
N LEU A 22 -0.12 3.49 -5.44
CA LEU A 22 -1.21 3.49 -6.41
C LEU A 22 -1.77 4.90 -6.54
N LEU A 23 -2.05 5.55 -5.40
CA LEU A 23 -2.58 6.91 -5.32
C LEU A 23 -1.68 7.89 -6.07
N LEU A 24 -0.36 7.78 -5.89
CA LEU A 24 0.61 8.63 -6.53
C LEU A 24 0.56 8.40 -8.05
N ILE A 25 0.51 7.13 -8.48
CA ILE A 25 0.45 6.80 -9.91
C ILE A 25 -0.87 7.30 -10.50
N LEU A 26 -1.96 7.30 -9.73
CA LEU A 26 -3.25 7.78 -10.19
C LEU A 26 -3.15 9.31 -10.43
N GLY A 27 -2.09 9.96 -9.92
CA GLY A 27 -1.82 11.37 -10.09
C GLY A 27 -1.06 11.52 -11.41
N ALA A 28 0.02 10.75 -11.56
CA ALA A 28 0.85 10.75 -12.77
C ALA A 28 -0.01 10.46 -14.00
N LEU A 29 -1.00 9.57 -13.86
CA LEU A 29 -1.94 9.17 -14.90
C LEU A 29 -2.73 10.37 -15.46
N LEU A 30 -2.87 11.44 -14.68
CA LEU A 30 -3.59 12.67 -15.04
C LEU A 30 -2.63 13.80 -15.44
N LEU A 31 -1.31 13.61 -15.32
CA LEU A 31 -0.29 14.61 -15.65
C LEU A 31 0.54 14.19 -16.86
N GLY A 32 0.71 12.90 -17.10
CA GLY A 32 1.50 12.35 -18.20
C GLY A 32 2.95 12.12 -17.79
N LEU A 33 3.30 12.31 -16.52
CA LEU A 33 4.60 12.15 -15.89
C LEU A 33 4.30 11.77 -14.46
N ILE A 1 -7.37 -17.00 9.68
CA ILE A 1 -6.70 -17.81 10.72
C ILE A 1 -5.85 -16.88 11.57
N PRO A 2 -5.61 -17.17 12.87
CA PRO A 2 -4.78 -16.31 13.70
C PRO A 2 -3.32 -16.43 13.24
N SER A 3 -2.50 -15.47 13.65
CA SER A 3 -1.08 -15.37 13.37
C SER A 3 -0.51 -14.30 14.30
N SER A 4 0.82 -14.14 14.32
CA SER A 4 1.50 -13.17 15.16
C SER A 4 0.95 -11.76 14.89
N PRO A 5 0.82 -10.88 15.90
CA PRO A 5 0.28 -9.53 15.68
C PRO A 5 1.14 -8.75 14.68
N VAL A 6 2.45 -8.98 14.67
CA VAL A 6 3.38 -8.34 13.76
C VAL A 6 3.08 -8.72 12.31
N HIS A 7 2.49 -9.90 12.06
CA HIS A 7 2.15 -10.35 10.71
C HIS A 7 0.99 -9.50 10.21
N LEU A 8 -0.06 -9.41 11.03
CA LEU A 8 -1.24 -8.61 10.72
C LEU A 8 -0.80 -7.17 10.46
N LYS A 9 0.13 -6.65 11.27
CA LYS A 9 0.65 -5.30 11.11
C LYS A 9 1.35 -5.19 9.77
N ARG A 10 2.23 -6.13 9.41
CA ARG A 10 2.96 -6.13 8.14
C ARG A 10 2.00 -6.13 6.95
N LEU A 11 0.92 -6.91 7.00
CA LEU A 11 -0.05 -7.01 5.90
C LEU A 11 -0.83 -5.72 5.75
N LYS A 12 -0.95 -4.96 6.84
CA LYS A 12 -1.65 -3.68 6.81
C LYS A 12 -0.69 -2.58 6.35
N LEU A 13 0.56 -2.60 6.81
CA LEU A 13 1.57 -1.61 6.45
C LEU A 13 1.85 -1.72 4.94
N LEU A 14 2.07 -2.95 4.45
CA LEU A 14 2.34 -3.18 3.04
C LEU A 14 1.18 -2.66 2.20
N LEU A 15 -0.07 -2.92 2.62
CA LEU A 15 -1.24 -2.47 1.89
C LEU A 15 -1.29 -0.94 1.86
N LEU A 16 -1.00 -0.28 3.00
CA LEU A 16 -1.02 1.18 3.09
C LEU A 16 0.02 1.76 2.13
N LEU A 17 1.25 1.23 2.13
CA LEU A 17 2.31 1.71 1.26
C LEU A 17 1.94 1.48 -0.20
N LEU A 18 1.43 0.29 -0.55
CA LEU A 18 1.02 -0.05 -1.89
C LEU A 18 -0.03 0.96 -2.35
N LEU A 19 -1.03 1.24 -1.50
CA LEU A 19 -2.09 2.19 -1.79
C LEU A 19 -1.52 3.58 -1.99
N LEU A 20 -0.55 4.01 -1.17
CA LEU A 20 0.06 5.33 -1.28
C LEU A 20 0.76 5.48 -2.63
N ILE A 21 1.60 4.51 -3.01
CA ILE A 21 2.31 4.54 -4.28
C ILE A 21 1.30 4.50 -5.43
N LEU A 22 0.27 3.65 -5.34
CA LEU A 22 -0.76 3.52 -6.36
C LEU A 22 -1.45 4.87 -6.56
N LEU A 23 -1.88 5.49 -5.46
CA LEU A 23 -2.56 6.77 -5.44
C LEU A 23 -1.74 7.86 -6.12
N LEU A 24 -0.43 7.90 -5.85
CA LEU A 24 0.46 8.86 -6.45
C LEU A 24 0.51 8.65 -7.96
N ILE A 25 0.67 7.40 -8.41
CA ILE A 25 0.72 7.09 -9.83
C ILE A 25 -0.65 7.39 -10.46
N LEU A 26 -1.75 7.30 -9.72
CA LEU A 26 -3.09 7.62 -10.22
C LEU A 26 -3.16 9.11 -10.54
N GLY A 27 -2.22 9.91 -10.03
CA GLY A 27 -2.14 11.34 -10.26
C GLY A 27 -1.38 11.53 -11.57
N ALA A 28 -0.19 10.93 -11.67
CA ALA A 28 0.66 11.00 -12.85
C ALA A 28 -0.11 10.51 -14.09
N LEU A 29 -0.95 9.49 -13.93
CA LEU A 29 -1.78 8.90 -14.97
C LEU A 29 -2.72 9.93 -15.60
N LEU A 30 -3.06 11.01 -14.88
CA LEU A 30 -3.95 12.07 -15.34
C LEU A 30 -3.19 13.33 -15.78
N LEU A 31 -1.87 13.39 -15.58
CA LEU A 31 -1.02 14.53 -15.93
C LEU A 31 -0.06 14.21 -17.08
N GLY A 32 0.32 12.94 -17.23
CA GLY A 32 1.24 12.46 -18.25
C GLY A 32 2.69 12.45 -17.75
N LEU A 33 2.94 12.97 -16.54
CA LEU A 33 4.21 13.08 -15.83
C LEU A 33 3.86 12.72 -14.40
N ILE A 1 -4.76 -20.74 12.27
CA ILE A 1 -4.03 -20.66 13.54
C ILE A 1 -3.65 -19.20 13.79
N PRO A 2 -3.51 -18.75 15.05
CA PRO A 2 -3.13 -17.37 15.31
C PRO A 2 -1.66 -17.17 14.91
N SER A 3 -1.20 -15.92 14.91
CA SER A 3 0.17 -15.56 14.57
C SER A 3 0.50 -14.24 15.28
N SER A 4 1.78 -13.86 15.33
CA SER A 4 2.24 -12.65 15.97
C SER A 4 1.54 -11.43 15.37
N PRO A 5 1.07 -10.45 16.18
CA PRO A 5 0.39 -9.27 15.67
C PRO A 5 1.26 -8.44 14.72
N VAL A 6 2.59 -8.51 14.84
CA VAL A 6 3.49 -7.76 13.96
C VAL A 6 3.33 -8.24 12.51
N HIS A 7 3.00 -9.51 12.27
CA HIS A 7 2.81 -10.04 10.91
C HIS A 7 1.54 -9.41 10.35
N LEU A 8 0.46 -9.38 11.14
CA LEU A 8 -0.82 -8.79 10.75
C LEU A 8 -0.57 -7.31 10.44
N LYS A 9 0.23 -6.63 11.28
CA LYS A 9 0.56 -5.23 11.09
C LYS A 9 1.31 -5.06 9.78
N ARG A 10 2.33 -5.88 9.48
CA ARG A 10 3.07 -5.79 8.23
C ARG A 10 2.17 -6.01 7.02
N LEU A 11 1.10 -6.81 7.14
CA LEU A 11 0.20 -7.07 6.01
C LEU A 11 -0.55 -5.76 5.75
N LYS A 12 -1.12 -5.20 6.82
CA LYS A 12 -1.85 -3.94 6.69
C LYS A 12 -0.94 -2.80 6.22
N LEU A 13 0.31 -2.77 6.67
CA LEU A 13 1.28 -1.75 6.29
C LEU A 13 1.59 -1.89 4.79
N LEU A 14 1.81 -3.12 4.31
CA LEU A 14 2.09 -3.39 2.91
C LEU A 14 0.93 -2.88 2.07
N LEU A 15 -0.31 -3.16 2.47
CA LEU A 15 -1.50 -2.71 1.74
C LEU A 15 -1.56 -1.18 1.73
N LEU A 16 -1.26 -0.53 2.84
CA LEU A 16 -1.28 0.93 2.95
C LEU A 16 -0.24 1.52 1.99
N LEU A 17 0.98 0.98 1.99
CA LEU A 17 2.05 1.45 1.12
C LEU A 17 1.69 1.24 -0.34
N LEU A 18 1.09 0.08 -0.68
CA LEU A 18 0.68 -0.24 -2.03
C LEU A 18 -0.36 0.81 -2.45
N LEU A 19 -1.35 1.10 -1.60
CA LEU A 19 -2.38 2.08 -1.87
C LEU A 19 -1.76 3.47 -2.07
N LEU A 20 -0.75 3.83 -1.26
CA LEU A 20 -0.08 5.12 -1.36
C LEU A 20 0.58 5.24 -2.74
N ILE A 21 1.34 4.20 -3.16
CA ILE A 21 2.02 4.19 -4.44
C ILE A 21 0.96 4.24 -5.56
N LEU A 22 -0.14 3.50 -5.43
CA LEU A 22 -1.21 3.47 -6.41
C LEU A 22 -1.76 4.88 -6.58
N LEU A 23 -2.08 5.55 -5.48
CA LEU A 23 -2.60 6.90 -5.45
C LEU A 23 -1.59 7.88 -6.08
N LEU A 24 -0.30 7.66 -5.88
CA LEU A 24 0.76 8.50 -6.44
C LEU A 24 0.68 8.42 -7.96
N ILE A 25 0.70 7.21 -8.52
CA ILE A 25 0.62 7.01 -9.96
C ILE A 25 -0.74 7.45 -10.48
N LEU A 26 -1.81 7.35 -9.69
CA LEU A 26 -3.13 7.80 -10.13
C LEU A 26 -3.07 9.32 -10.41
N GLY A 27 -2.08 10.02 -9.84
CA GLY A 27 -1.86 11.45 -10.02
C GLY A 27 -1.01 11.66 -11.26
N ALA A 28 0.06 10.87 -11.41
CA ALA A 28 0.97 10.93 -12.55
C ALA A 28 0.20 10.69 -13.86
N LEU A 29 -0.73 9.74 -13.85
CA LEU A 29 -1.56 9.37 -14.99
C LEU A 29 -2.41 10.52 -15.48
N LEU A 30 -2.70 11.54 -14.63
CA LEU A 30 -3.50 12.70 -15.05
C LEU A 30 -2.71 13.52 -16.08
N LEU A 31 -1.38 13.39 -16.09
CA LEU A 31 -0.45 14.05 -16.98
C LEU A 31 0.11 13.04 -18.01
N GLY A 32 -0.26 11.75 -17.92
CA GLY A 32 0.19 10.71 -18.82
C GLY A 32 1.53 10.08 -18.40
N LEU A 33 1.88 10.15 -17.10
CA LEU A 33 3.10 9.60 -16.53
C LEU A 33 2.75 8.46 -15.58
N ILE A 1 3.33 -16.70 9.82
CA ILE A 1 2.02 -17.33 10.09
C ILE A 1 1.03 -16.20 10.39
N PRO A 2 -0.14 -16.13 9.74
CA PRO A 2 -1.12 -15.08 9.97
C PRO A 2 -1.81 -15.29 11.32
N SER A 3 -1.11 -14.97 12.42
CA SER A 3 -1.62 -15.12 13.78
C SER A 3 -1.00 -14.06 14.67
N SER A 4 0.34 -14.02 14.75
CA SER A 4 1.05 -13.04 15.57
C SER A 4 0.66 -11.64 15.09
N PRO A 5 0.32 -10.68 15.98
CA PRO A 5 -0.09 -9.34 15.58
C PRO A 5 0.92 -8.62 14.68
N VAL A 6 2.22 -8.90 14.82
CA VAL A 6 3.24 -8.27 13.98
C VAL A 6 3.01 -8.63 12.50
N HIS A 7 2.54 -9.85 12.19
CA HIS A 7 2.27 -10.25 10.82
C HIS A 7 1.10 -9.44 10.30
N LEU A 8 0.02 -9.33 11.07
CA LEU A 8 -1.16 -8.56 10.70
C LEU A 8 -0.73 -7.12 10.42
N LYS A 9 0.13 -6.56 11.28
CA LYS A 9 0.64 -5.20 11.14
C LYS A 9 1.39 -5.10 9.81
N ARG A 10 2.32 -6.03 9.54
CA ARG A 10 3.11 -6.06 8.31
C ARG A 10 2.23 -6.12 7.06
N LEU A 11 1.15 -6.89 7.08
CA LEU A 11 0.24 -7.07 5.95
C LEU A 11 -0.61 -5.81 5.76
N LYS A 12 -0.84 -5.05 6.81
CA LYS A 12 -1.60 -3.82 6.72
C LYS A 12 -0.69 -2.68 6.29
N LEU A 13 0.56 -2.64 6.78
CA LEU A 13 1.54 -1.63 6.43
C LEU A 13 1.86 -1.76 4.95
N LEU A 14 2.08 -2.99 4.46
CA LEU A 14 2.37 -3.26 3.06
C LEU A 14 1.22 -2.77 2.19
N LEU A 15 -0.02 -3.05 2.59
CA LEU A 15 -1.19 -2.62 1.85
C LEU A 15 -1.28 -1.10 1.80
N LEU A 16 -1.05 -0.42 2.94
CA LEU A 16 -1.09 1.03 3.02
C LEU A 16 -0.06 1.64 2.08
N LEU A 17 1.19 1.14 2.11
CA LEU A 17 2.25 1.63 1.25
C LEU A 17 1.92 1.39 -0.23
N LEU A 18 1.40 0.20 -0.56
CA LEU A 18 1.04 -0.14 -1.92
C LEU A 18 -0.04 0.85 -2.39
N LEU A 19 -1.05 1.09 -1.57
CA LEU A 19 -2.13 2.03 -1.89
C LEU A 19 -1.58 3.45 -2.05
N LEU A 20 -0.62 3.87 -1.22
CA LEU A 20 -0.03 5.19 -1.31
C LEU A 20 0.68 5.35 -2.66
N ILE A 21 1.51 4.38 -3.04
CA ILE A 21 2.23 4.40 -4.31
C ILE A 21 1.23 4.37 -5.47
N LEU A 22 0.17 3.56 -5.37
CA LEU A 22 -0.86 3.46 -6.40
C LEU A 22 -1.48 4.83 -6.62
N LEU A 23 -1.91 5.47 -5.53
CA LEU A 23 -2.52 6.79 -5.53
C LEU A 23 -1.57 7.82 -6.15
N LEU A 24 -0.27 7.73 -5.83
CA LEU A 24 0.77 8.61 -6.34
C LEU A 24 0.79 8.52 -7.87
N ILE A 25 0.96 7.31 -8.41
CA ILE A 25 1.01 7.11 -9.85
C ILE A 25 -0.33 7.46 -10.49
N LEU A 26 -1.46 7.28 -9.79
CA LEU A 26 -2.77 7.63 -10.33
C LEU A 26 -2.84 9.15 -10.58
N GLY A 27 -1.92 9.94 -10.01
CA GLY A 27 -1.87 11.38 -10.20
C GLY A 27 -1.19 11.67 -11.52
N ALA A 28 -0.15 10.89 -11.88
CA ALA A 28 0.55 11.06 -13.15
C ALA A 28 -0.43 10.72 -14.28
N LEU A 29 -1.28 9.70 -14.07
CA LEU A 29 -2.29 9.28 -15.05
C LEU A 29 -3.23 10.43 -15.41
N LEU A 30 -3.37 11.48 -14.57
CA LEU A 30 -4.24 12.62 -14.87
C LEU A 30 -3.69 13.40 -16.08
N LEU A 31 -2.36 13.36 -16.28
CA LEU A 31 -1.67 13.99 -17.40
C LEU A 31 -1.69 13.05 -18.62
N GLY A 32 -2.06 11.79 -18.41
CA GLY A 32 -2.16 10.73 -19.41
C GLY A 32 -1.28 9.52 -19.06
N LEU A 33 -0.24 9.68 -18.23
CA LEU A 33 0.66 8.62 -17.79
C LEU A 33 1.60 9.22 -16.76
N ILE A 1 2.52 -19.23 8.16
CA ILE A 1 1.30 -18.55 8.66
C ILE A 1 1.80 -17.44 9.58
N PRO A 2 1.30 -16.20 9.48
CA PRO A 2 1.74 -15.12 10.36
C PRO A 2 1.37 -15.47 11.81
N SER A 3 2.06 -14.90 12.79
CA SER A 3 1.81 -15.18 14.20
C SER A 3 1.69 -13.90 15.02
N SER A 4 2.82 -13.33 15.46
CA SER A 4 2.90 -12.13 16.28
C SER A 4 2.11 -10.97 15.63
N PRO A 5 1.55 -10.02 16.41
CA PRO A 5 0.77 -8.90 15.87
C PRO A 5 1.55 -8.05 14.87
N VAL A 6 2.88 -7.99 14.96
CA VAL A 6 3.68 -7.22 14.01
C VAL A 6 3.49 -7.77 12.59
N HIS A 7 3.22 -9.07 12.41
CA HIS A 7 3.01 -9.67 11.10
C HIS A 7 1.68 -9.15 10.55
N LEU A 8 0.65 -9.08 11.40
CA LEU A 8 -0.67 -8.60 11.01
C LEU A 8 -0.52 -7.13 10.60
N LYS A 9 0.29 -6.36 11.35
CA LYS A 9 0.58 -4.96 11.08
C LYS A 9 1.31 -4.85 9.74
N ARG A 10 2.33 -5.68 9.51
CA ARG A 10 3.14 -5.74 8.30
C ARG A 10 2.27 -6.01 7.07
N LEU A 11 1.21 -6.81 7.19
CA LEU A 11 0.33 -7.13 6.08
C LEU A 11 -0.48 -5.88 5.79
N LYS A 12 -1.07 -5.28 6.84
CA LYS A 12 -1.85 -4.06 6.62
C LYS A 12 -0.98 -2.93 6.07
N LEU A 13 0.28 -2.84 6.51
CA LEU A 13 1.23 -1.83 6.06
C LEU A 13 1.51 -2.06 4.58
N LEU A 14 1.73 -3.32 4.17
CA LEU A 14 1.98 -3.65 2.76
C LEU A 14 0.80 -3.22 1.91
N LEU A 15 -0.43 -3.51 2.37
CA LEU A 15 -1.64 -3.14 1.65
C LEU A 15 -1.75 -1.62 1.52
N LEU A 16 -1.58 -0.89 2.63
CA LEU A 16 -1.66 0.57 2.64
C LEU A 16 -0.57 1.16 1.75
N LEU A 17 0.63 0.59 1.73
CA LEU A 17 1.73 1.06 0.91
C LEU A 17 1.38 0.88 -0.57
N LEU A 18 0.82 -0.28 -0.95
CA LEU A 18 0.42 -0.55 -2.31
C LEU A 18 -0.63 0.49 -2.72
N LEU A 19 -1.61 0.74 -1.86
CA LEU A 19 -2.67 1.73 -2.11
C LEU A 19 -2.05 3.13 -2.26
N LEU A 20 -1.06 3.48 -1.43
CA LEU A 20 -0.39 4.77 -1.49
C LEU A 20 0.30 4.92 -2.84
N ILE A 21 1.04 3.90 -3.28
CA ILE A 21 1.74 3.91 -4.56
C ILE A 21 0.72 4.04 -5.69
N LEU A 22 -0.42 3.34 -5.62
CA LEU A 22 -1.46 3.41 -6.64
C LEU A 22 -1.96 4.85 -6.74
N LEU A 23 -2.29 5.45 -5.60
CA LEU A 23 -2.77 6.82 -5.50
C LEU A 23 -1.74 7.79 -6.07
N LEU A 24 -0.44 7.56 -5.78
CA LEU A 24 0.67 8.37 -6.25
C LEU A 24 0.68 8.36 -7.78
N ILE A 25 0.63 7.16 -8.37
CA ILE A 25 0.62 6.98 -9.81
C ILE A 25 -0.63 7.61 -10.42
N LEU A 26 -1.76 7.61 -9.71
CA LEU A 26 -2.98 8.24 -10.22
C LEU A 26 -2.76 9.76 -10.34
N GLY A 27 -1.72 10.29 -9.71
CA GLY A 27 -1.36 11.70 -9.76
C GLY A 27 -0.48 11.96 -10.98
N ALA A 28 0.42 11.02 -11.30
CA ALA A 28 1.33 11.10 -12.43
C ALA A 28 0.48 10.99 -13.71
N LEU A 29 -0.37 9.96 -13.77
CA LEU A 29 -1.27 9.67 -14.89
C LEU A 29 -2.18 10.85 -15.22
N LEU A 30 -2.42 11.77 -14.27
CA LEU A 30 -3.24 12.97 -14.46
C LEU A 30 -2.61 13.84 -15.56
N LEU A 31 -1.27 13.85 -15.64
CA LEU A 31 -0.50 14.60 -16.63
C LEU A 31 -0.34 13.78 -17.92
N GLY A 32 -0.69 12.49 -17.90
CA GLY A 32 -0.62 11.56 -19.02
C GLY A 32 0.26 10.34 -18.78
N LEU A 33 1.14 10.34 -17.77
CA LEU A 33 2.02 9.22 -17.45
C LEU A 33 2.37 9.32 -15.97
N ILE A 1 -5.14 -19.00 10.51
CA ILE A 1 -4.66 -19.19 11.89
C ILE A 1 -4.16 -17.82 12.39
N PRO A 2 -4.18 -17.54 13.70
CA PRO A 2 -3.68 -16.26 14.20
C PRO A 2 -2.15 -16.21 14.02
N SER A 3 -1.54 -15.05 14.24
CA SER A 3 -0.10 -14.84 14.11
C SER A 3 0.28 -13.64 14.98
N SER A 4 1.57 -13.47 15.24
CA SER A 4 2.11 -12.38 16.04
C SER A 4 1.61 -11.03 15.47
N PRO A 5 1.27 -10.05 16.32
CA PRO A 5 0.75 -8.76 15.87
C PRO A 5 1.67 -8.03 14.88
N VAL A 6 2.99 -8.19 14.98
CA VAL A 6 3.91 -7.53 14.06
C VAL A 6 3.71 -8.00 12.62
N HIS A 7 3.39 -9.29 12.40
CA HIS A 7 3.16 -9.81 11.05
C HIS A 7 1.84 -9.25 10.55
N LEU A 8 0.79 -9.24 11.41
CA LEU A 8 -0.52 -8.71 11.05
C LEU A 8 -0.34 -7.25 10.64
N LYS A 9 0.45 -6.49 11.41
CA LYS A 9 0.74 -5.09 11.14
C LYS A 9 1.40 -4.98 9.77
N ARG A 10 2.47 -5.75 9.50
CA ARG A 10 3.15 -5.72 8.22
C ARG A 10 2.24 -6.09 7.06
N LEU A 11 1.27 -6.99 7.24
CA LEU A 11 0.36 -7.41 6.18
C LEU A 11 -0.63 -6.30 5.88
N LYS A 12 -0.94 -5.46 6.87
CA LYS A 12 -1.85 -4.34 6.70
C LYS A 12 -1.09 -3.12 6.16
N LEU A 13 0.15 -2.94 6.61
CA LEU A 13 1.02 -1.83 6.19
C LEU A 13 1.33 -1.98 4.70
N LEU A 14 1.66 -3.21 4.26
CA LEU A 14 1.95 -3.47 2.86
C LEU A 14 0.77 -3.09 1.99
N LEU A 15 -0.46 -3.42 2.43
CA LEU A 15 -1.67 -3.09 1.69
C LEU A 15 -1.85 -1.59 1.61
N LEU A 16 -1.69 -0.88 2.73
CA LEU A 16 -1.83 0.57 2.79
C LEU A 16 -0.79 1.21 1.86
N LEU A 17 0.46 0.74 1.90
CA LEU A 17 1.55 1.24 1.07
C LEU A 17 1.22 1.02 -0.40
N LEU A 18 0.69 -0.15 -0.79
CA LEU A 18 0.33 -0.45 -2.16
C LEU A 18 -0.70 0.59 -2.62
N LEU A 19 -1.72 0.84 -1.79
CA LEU A 19 -2.77 1.81 -2.09
C LEU A 19 -2.16 3.21 -2.22
N LEU A 20 -1.22 3.58 -1.36
CA LEU A 20 -0.55 4.87 -1.39
C LEU A 20 0.20 5.03 -2.71
N ILE A 21 1.00 4.04 -3.10
CA ILE A 21 1.75 4.08 -4.34
C ILE A 21 0.78 4.17 -5.52
N LEU A 22 -0.33 3.43 -5.50
CA LEU A 22 -1.33 3.47 -6.57
C LEU A 22 -1.87 4.89 -6.70
N LEU A 23 -2.25 5.48 -5.56
CA LEU A 23 -2.78 6.85 -5.49
C LEU A 23 -1.74 7.84 -6.01
N LEU A 24 -0.45 7.62 -5.73
CA LEU A 24 0.65 8.46 -6.17
C LEU A 24 0.69 8.43 -7.70
N ILE A 25 0.69 7.22 -8.28
CA ILE A 25 0.71 7.02 -9.72
C ILE A 25 -0.54 7.62 -10.36
N LEU A 26 -1.66 7.68 -9.63
CA LEU A 26 -2.89 8.27 -10.14
C LEU A 26 -2.67 9.76 -10.46
N GLY A 27 -1.60 10.36 -9.92
CA GLY A 27 -1.25 11.75 -10.12
C GLY A 27 -0.41 11.89 -11.40
N ALA A 28 0.45 10.90 -11.68
CA ALA A 28 1.29 10.88 -12.87
C ALA A 28 0.38 10.79 -14.09
N LEU A 29 -0.63 9.92 -14.02
CA LEU A 29 -1.61 9.69 -15.09
C LEU A 29 -2.31 10.99 -15.52
N LEU A 30 -2.37 12.02 -14.66
CA LEU A 30 -3.00 13.31 -15.01
C LEU A 30 -2.20 14.00 -16.12
N LEU A 31 -0.90 13.71 -16.22
CA LEU A 31 0.03 14.23 -17.21
C LEU A 31 -0.01 13.37 -18.49
N GLY A 32 -0.64 12.19 -18.42
CA GLY A 32 -0.79 11.23 -19.51
C GLY A 32 -0.19 9.86 -19.19
N LEU A 33 0.76 9.77 -18.25
CA LEU A 33 1.40 8.53 -17.82
C LEU A 33 1.95 8.79 -16.43
N ILE A 1 1.07 -16.20 22.03
CA ILE A 1 0.14 -16.62 20.96
C ILE A 1 0.86 -16.43 19.62
N PRO A 2 0.57 -17.23 18.59
CA PRO A 2 1.18 -17.08 17.27
C PRO A 2 0.60 -15.82 16.61
N SER A 3 1.10 -15.47 15.41
CA SER A 3 0.67 -14.31 14.63
C SER A 3 0.72 -13.02 15.48
N SER A 4 1.95 -12.62 15.84
CA SER A 4 2.19 -11.43 16.65
C SER A 4 1.53 -10.20 15.98
N PRO A 5 1.04 -9.19 16.75
CA PRO A 5 0.39 -8.02 16.20
C PRO A 5 1.25 -7.25 15.18
N VAL A 6 2.58 -7.28 15.33
CA VAL A 6 3.46 -6.61 14.38
C VAL A 6 3.34 -7.25 12.99
N HIS A 7 3.09 -8.57 12.89
CA HIS A 7 2.92 -9.22 11.60
C HIS A 7 1.58 -8.81 11.03
N LEU A 8 0.52 -8.73 11.84
CA LEU A 8 -0.79 -8.30 11.37
C LEU A 8 -0.62 -6.89 10.78
N LYS A 9 0.12 -6.02 11.49
CA LYS A 9 0.41 -4.67 11.06
C LYS A 9 1.19 -4.69 9.75
N ARG A 10 2.25 -5.51 9.62
CA ARG A 10 3.05 -5.63 8.41
C ARG A 10 2.21 -6.02 7.21
N LEU A 11 1.17 -6.84 7.35
CA LEU A 11 0.35 -7.24 6.21
C LEU A 11 -0.47 -6.03 5.79
N LYS A 12 -1.08 -5.36 6.77
CA LYS A 12 -1.88 -4.17 6.48
C LYS A 12 -1.01 -3.03 5.92
N LEU A 13 0.24 -2.92 6.36
CA LEU A 13 1.17 -1.90 5.89
C LEU A 13 1.53 -2.19 4.44
N LEU A 14 1.80 -3.46 4.10
CA LEU A 14 2.14 -3.86 2.74
C LEU A 14 0.99 -3.50 1.81
N LEU A 15 -0.25 -3.82 2.21
CA LEU A 15 -1.44 -3.53 1.43
C LEU A 15 -1.58 -2.02 1.22
N LEU A 16 -1.43 -1.24 2.31
CA LEU A 16 -1.52 0.22 2.26
C LEU A 16 -0.45 0.77 1.32
N LEU A 17 0.79 0.27 1.40
CA LEU A 17 1.90 0.69 0.56
C LEU A 17 1.58 0.43 -0.91
N LEU A 18 1.02 -0.74 -1.24
CA LEU A 18 0.66 -1.10 -2.60
C LEU A 18 -0.33 -0.06 -3.12
N LEU A 19 -1.40 0.19 -2.33
CA LEU A 19 -2.43 1.16 -2.66
C LEU A 19 -1.83 2.57 -2.80
N LEU A 20 -0.87 2.94 -1.93
CA LEU A 20 -0.23 4.24 -1.98
C LEU A 20 0.54 4.41 -3.28
N ILE A 21 1.29 3.39 -3.71
CA ILE A 21 2.04 3.46 -4.97
C ILE A 21 1.05 3.61 -6.13
N LEU A 22 -0.06 2.87 -6.12
CA LEU A 22 -1.08 2.97 -7.17
C LEU A 22 -1.60 4.40 -7.22
N LEU A 23 -1.96 4.94 -6.05
CA LEU A 23 -2.47 6.29 -5.88
C LEU A 23 -1.46 7.32 -6.37
N LEU A 24 -0.16 7.09 -6.15
CA LEU A 24 0.92 7.97 -6.57
C LEU A 24 0.88 8.11 -8.09
N ILE A 25 0.85 6.98 -8.81
CA ILE A 25 0.79 7.00 -10.26
C ILE A 25 -0.53 7.62 -10.72
N LEU A 26 -1.64 7.34 -10.04
CA LEU A 26 -2.93 7.93 -10.38
C LEU A 26 -2.87 9.45 -10.15
N GLY A 27 -1.84 9.95 -9.44
CA GLY A 27 -1.62 11.34 -9.15
C GLY A 27 -0.86 11.96 -10.32
N ALA A 28 0.18 11.25 -10.80
CA ALA A 28 0.96 11.70 -11.95
C ALA A 28 0.03 11.84 -13.15
N LEU A 29 -0.95 10.94 -13.27
CA LEU A 29 -1.96 10.92 -14.32
C LEU A 29 -2.76 12.22 -14.38
N LEU A 30 -2.89 12.95 -13.25
CA LEU A 30 -3.62 14.21 -13.20
C LEU A 30 -2.89 15.31 -13.97
N LEU A 31 -1.58 15.15 -14.21
CA LEU A 31 -0.74 16.09 -14.95
C LEU A 31 -0.46 15.54 -16.36
N GLY A 32 -0.46 14.22 -16.51
CA GLY A 32 -0.22 13.48 -17.75
C GLY A 32 1.18 12.86 -17.79
N LEU A 33 2.11 13.43 -16.99
CA LEU A 33 3.51 13.05 -16.83
C LEU A 33 4.19 12.98 -18.20
N ILE A 1 -0.06 -22.03 14.43
CA ILE A 1 1.04 -21.12 14.04
C ILE A 1 0.85 -19.88 14.90
N PRO A 2 1.90 -19.36 15.58
CA PRO A 2 1.80 -18.18 16.43
C PRO A 2 1.69 -16.91 15.58
N SER A 3 0.52 -16.70 14.94
CA SER A 3 0.22 -15.55 14.09
C SER A 3 0.07 -14.31 14.97
N SER A 4 1.19 -13.81 15.46
CA SER A 4 1.29 -12.65 16.33
C SER A 4 0.78 -11.41 15.57
N PRO A 5 0.25 -10.38 16.25
CA PRO A 5 -0.28 -9.18 15.60
C PRO A 5 0.71 -8.46 14.68
N VAL A 6 2.02 -8.60 14.90
CA VAL A 6 3.03 -7.95 14.06
C VAL A 6 2.92 -8.45 12.61
N HIS A 7 2.49 -9.70 12.37
CA HIS A 7 2.33 -10.25 11.03
C HIS A 7 1.21 -9.48 10.34
N LEU A 8 0.07 -9.37 11.01
CA LEU A 8 -1.09 -8.66 10.51
C LEU A 8 -0.69 -7.21 10.24
N LYS A 9 0.09 -6.60 11.14
CA LYS A 9 0.57 -5.23 11.03
C LYS A 9 1.41 -5.09 9.77
N ARG A 10 2.37 -5.97 9.52
CA ARG A 10 3.23 -5.91 8.33
C ARG A 10 2.40 -6.06 7.07
N LEU A 11 1.34 -6.89 7.06
CA LEU A 11 0.51 -7.08 5.87
C LEU A 11 -0.28 -5.81 5.64
N LYS A 12 -0.85 -5.23 6.70
CA LYS A 12 -1.62 -4.00 6.58
C LYS A 12 -0.70 -2.85 6.14
N LEU A 13 0.52 -2.79 6.65
CA LEU A 13 1.49 -1.75 6.30
C LEU A 13 1.83 -1.85 4.82
N LEU A 14 2.15 -3.06 4.35
CA LEU A 14 2.48 -3.32 2.95
C LEU A 14 1.32 -2.88 2.06
N LEU A 15 0.09 -3.24 2.42
CA LEU A 15 -1.09 -2.88 1.64
C LEU A 15 -1.28 -1.36 1.62
N LEU A 16 -1.11 -0.68 2.76
CA LEU A 16 -1.26 0.77 2.82
C LEU A 16 -0.18 1.44 1.97
N LEU A 17 1.06 0.92 1.98
CA LEU A 17 2.14 1.46 1.19
C LEU A 17 1.83 1.30 -0.29
N LEU A 18 1.34 0.13 -0.70
CA LEU A 18 0.98 -0.14 -2.08
C LEU A 18 -0.10 0.86 -2.49
N LEU A 19 -1.11 1.08 -1.64
CA LEU A 19 -2.19 2.03 -1.90
C LEU A 19 -1.62 3.44 -2.03
N LEU A 20 -0.69 3.83 -1.17
CA LEU A 20 -0.06 5.16 -1.21
C LEU A 20 0.65 5.34 -2.54
N ILE A 21 1.48 4.38 -2.96
CA ILE A 21 2.20 4.45 -4.23
C ILE A 21 1.20 4.48 -5.39
N LEU A 22 0.10 3.72 -5.34
CA LEU A 22 -0.92 3.71 -6.38
C LEU A 22 -1.52 5.10 -6.51
N LEU A 23 -1.89 5.68 -5.37
CA LEU A 23 -2.47 7.02 -5.27
C LEU A 23 -1.50 8.05 -5.84
N LEU A 24 -0.19 7.89 -5.57
CA LEU A 24 0.85 8.78 -6.07
C LEU A 24 0.84 8.71 -7.60
N ILE A 25 0.88 7.49 -8.14
CA ILE A 25 0.87 7.22 -9.58
C ILE A 25 -0.42 7.73 -10.22
N LEU A 26 -1.52 7.89 -9.47
CA LEU A 26 -2.77 8.41 -10.03
C LEU A 26 -2.54 9.85 -10.55
N GLY A 27 -1.47 10.53 -10.09
CA GLY A 27 -1.13 11.88 -10.53
C GLY A 27 -0.70 11.82 -11.99
N ALA A 28 0.14 10.83 -12.33
CA ALA A 28 0.64 10.61 -13.68
C ALA A 28 -0.54 10.16 -14.55
N LEU A 29 -1.38 9.26 -14.01
CA LEU A 29 -2.56 8.74 -14.70
C LEU A 29 -3.47 9.86 -15.18
N LEU A 30 -3.72 10.89 -14.35
CA LEU A 30 -4.58 12.01 -14.74
C LEU A 30 -3.88 13.04 -15.63
N LEU A 31 -2.56 12.94 -15.82
CA LEU A 31 -1.77 13.85 -16.65
C LEU A 31 -1.50 13.23 -18.02
N GLY A 32 -1.41 11.90 -18.10
CA GLY A 32 -1.15 11.14 -19.31
C GLY A 32 0.30 10.68 -19.42
N LEU A 33 1.17 10.99 -18.45
CA LEU A 33 2.58 10.64 -18.40
C LEU A 33 2.98 10.62 -16.94
N ILE A 1 0.41 -18.35 7.18
CA ILE A 1 -0.39 -18.50 8.41
C ILE A 1 -0.21 -17.20 9.20
N PRO A 2 -1.26 -16.64 9.85
CA PRO A 2 -1.11 -15.41 10.63
C PRO A 2 -0.17 -15.67 11.83
N SER A 3 0.24 -14.61 12.53
CA SER A 3 1.13 -14.72 13.67
C SER A 3 0.90 -13.51 14.59
N SER A 4 1.96 -13.05 15.27
CA SER A 4 2.01 -11.95 16.20
C SER A 4 1.32 -10.67 15.67
N PRO A 5 0.83 -9.79 16.57
CA PRO A 5 0.13 -8.57 16.18
C PRO A 5 0.95 -7.65 15.28
N VAL A 6 2.29 -7.65 15.41
CA VAL A 6 3.16 -6.84 14.58
C VAL A 6 3.10 -7.40 13.15
N HIS A 7 3.05 -8.73 12.98
CA HIS A 7 2.97 -9.33 11.65
C HIS A 7 1.62 -9.01 11.05
N LEU A 8 0.53 -9.01 11.84
CA LEU A 8 -0.80 -8.66 11.31
C LEU A 8 -0.69 -7.24 10.74
N LYS A 9 -0.04 -6.34 11.49
CA LYS A 9 0.20 -4.96 11.08
C LYS A 9 1.01 -4.96 9.78
N ARG A 10 2.14 -5.66 9.72
CA ARG A 10 2.99 -5.74 8.54
C ARG A 10 2.25 -6.22 7.30
N LEU A 11 1.26 -7.12 7.43
CA LEU A 11 0.49 -7.63 6.29
C LEU A 11 -0.47 -6.55 5.79
N LYS A 12 -0.90 -5.64 6.65
CA LYS A 12 -1.78 -4.53 6.30
C LYS A 12 -0.96 -3.37 5.75
N LEU A 13 0.21 -3.11 6.33
CA LEU A 13 1.13 -2.06 5.92
C LEU A 13 1.56 -2.32 4.48
N LEU A 14 1.83 -3.59 4.15
CA LEU A 14 2.24 -3.99 2.81
C LEU A 14 1.15 -3.56 1.81
N LEU A 15 -0.13 -3.75 2.16
CA LEU A 15 -1.22 -3.35 1.25
C LEU A 15 -1.32 -1.84 1.20
N LEU A 16 -1.15 -1.15 2.34
CA LEU A 16 -1.20 0.31 2.40
C LEU A 16 -0.11 0.90 1.50
N LEU A 17 1.06 0.27 1.44
CA LEU A 17 2.18 0.70 0.61
C LEU A 17 1.76 0.62 -0.86
N LEU A 18 1.17 -0.51 -1.29
CA LEU A 18 0.71 -0.68 -2.66
C LEU A 18 -0.29 0.42 -2.99
N LEU A 19 -1.22 0.70 -2.06
CA LEU A 19 -2.24 1.73 -2.23
C LEU A 19 -1.58 3.11 -2.35
N LEU A 20 -0.51 3.38 -1.58
CA LEU A 20 0.19 4.66 -1.64
C LEU A 20 0.80 4.83 -3.03
N ILE A 21 1.46 3.80 -3.56
CA ILE A 21 2.05 3.87 -4.89
C ILE A 21 0.94 4.07 -5.93
N LEU A 22 -0.19 3.38 -5.79
CA LEU A 22 -1.31 3.54 -6.72
C LEU A 22 -1.77 4.99 -6.73
N LEU A 23 -1.97 5.56 -5.54
CA LEU A 23 -2.39 6.93 -5.34
C LEU A 23 -1.38 7.89 -5.97
N LEU A 24 -0.09 7.62 -5.82
CA LEU A 24 1.01 8.41 -6.37
C LEU A 24 0.86 8.46 -7.89
N ILE A 25 0.73 7.29 -8.52
CA ILE A 25 0.57 7.16 -9.96
C ILE A 25 -0.73 7.83 -10.40
N LEU A 26 -1.77 7.84 -9.57
CA LEU A 26 -3.04 8.50 -9.90
C LEU A 26 -2.80 10.00 -10.08
N GLY A 27 -1.66 10.54 -9.60
CA GLY A 27 -1.31 11.94 -9.73
C GLY A 27 -0.77 12.16 -11.13
N ALA A 28 0.21 11.34 -11.53
CA ALA A 28 0.82 11.42 -12.86
C ALA A 28 -0.23 11.12 -13.93
N LEU A 29 -1.19 10.23 -13.65
CA LEU A 29 -2.26 9.86 -14.56
C LEU A 29 -3.05 11.08 -15.02
N LEU A 30 -3.27 12.06 -14.13
CA LEU A 30 -4.00 13.29 -14.45
C LEU A 30 -3.20 14.20 -15.40
N LEU A 31 -1.92 13.92 -15.61
CA LEU A 31 -0.99 14.64 -16.49
C LEU A 31 -0.68 13.82 -17.74
N GLY A 32 -1.20 12.58 -17.85
CA GLY A 32 -1.00 11.68 -18.98
C GLY A 32 -0.40 10.31 -18.63
N LEU A 33 0.06 10.10 -17.39
CA LEU A 33 0.69 8.94 -16.71
C LEU A 33 2.13 9.28 -16.34
N ILE A 1 5.92 -17.54 17.45
CA ILE A 1 4.50 -17.93 17.40
C ILE A 1 3.95 -17.36 16.09
N PRO A 2 3.24 -18.15 15.27
CA PRO A 2 2.67 -17.66 14.02
C PRO A 2 1.57 -16.63 14.29
N SER A 3 1.07 -15.98 13.25
CA SER A 3 0.01 -14.97 13.32
C SER A 3 0.30 -13.84 14.34
N SER A 4 1.58 -13.58 14.67
CA SER A 4 1.92 -12.53 15.62
C SER A 4 1.40 -11.17 15.14
N PRO A 5 1.16 -10.21 16.05
CA PRO A 5 0.66 -8.89 15.68
C PRO A 5 1.63 -8.17 14.74
N VAL A 6 2.92 -8.49 14.77
CA VAL A 6 3.93 -7.88 13.91
C VAL A 6 3.63 -8.27 12.46
N HIS A 7 3.29 -9.54 12.19
CA HIS A 7 2.98 -9.97 10.83
C HIS A 7 1.71 -9.26 10.36
N LEU A 8 0.68 -9.20 11.22
CA LEU A 8 -0.58 -8.52 10.90
C LEU A 8 -0.26 -7.07 10.54
N LYS A 9 0.59 -6.41 11.33
CA LYS A 9 1.01 -5.03 11.11
C LYS A 9 1.66 -4.95 9.73
N ARG A 10 2.61 -5.84 9.42
CA ARG A 10 3.32 -5.86 8.16
C ARG A 10 2.37 -6.02 6.97
N LEU A 11 1.35 -6.88 7.06
CA LEU A 11 0.40 -7.15 5.99
C LEU A 11 -0.58 -5.99 5.84
N LYS A 12 -0.81 -5.22 6.89
CA LYS A 12 -1.70 -4.07 6.82
C LYS A 12 -0.91 -2.89 6.29
N LEU A 13 0.35 -2.73 6.69
CA LEU A 13 1.23 -1.65 6.24
C LEU A 13 1.43 -1.82 4.74
N LEU A 14 1.72 -3.05 4.28
CA LEU A 14 1.92 -3.35 2.87
C LEU A 14 0.68 -2.98 2.06
N LEU A 15 -0.52 -3.29 2.57
CA LEU A 15 -1.76 -2.99 1.87
C LEU A 15 -1.95 -1.47 1.76
N LEU A 16 -1.76 -0.74 2.87
CA LEU A 16 -1.91 0.71 2.89
C LEU A 16 -0.89 1.35 1.95
N LEU A 17 0.36 0.86 1.96
CA LEU A 17 1.42 1.35 1.11
C LEU A 17 1.08 1.12 -0.36
N LEU A 18 0.56 -0.06 -0.72
CA LEU A 18 0.18 -0.37 -2.08
C LEU A 18 -0.86 0.65 -2.55
N LEU A 19 -1.88 0.92 -1.71
CA LEU A 19 -2.92 1.89 -2.04
C LEU A 19 -2.32 3.29 -2.20
N LEU A 20 -1.39 3.68 -1.31
CA LEU A 20 -0.75 4.98 -1.37
C LEU A 20 0.06 5.12 -2.66
N ILE A 21 0.85 4.11 -3.02
CA ILE A 21 1.65 4.11 -4.24
C ILE A 21 0.72 4.20 -5.45
N LEU A 22 -0.39 3.46 -5.46
CA LEU A 22 -1.36 3.48 -6.56
C LEU A 22 -1.88 4.90 -6.72
N LEU A 23 -2.34 5.51 -5.63
CA LEU A 23 -2.87 6.86 -5.60
C LEU A 23 -1.84 7.86 -6.12
N LEU A 24 -0.58 7.72 -5.71
CA LEU A 24 0.50 8.60 -6.14
C LEU A 24 0.72 8.47 -7.64
N ILE A 25 0.77 7.23 -8.17
CA ILE A 25 0.97 6.97 -9.58
C ILE A 25 -0.22 7.50 -10.39
N LEU A 26 -1.44 7.44 -9.84
CA LEU A 26 -2.61 7.98 -10.52
C LEU A 26 -2.42 9.51 -10.73
N GLY A 27 -1.50 10.14 -9.99
CA GLY A 27 -1.21 11.56 -10.09
C GLY A 27 -0.35 11.82 -11.32
N ALA A 28 0.54 10.89 -11.67
CA ALA A 28 1.41 11.00 -12.84
C ALA A 28 0.55 10.79 -14.09
N LEU A 29 -0.33 9.77 -14.05
CA LEU A 29 -1.24 9.47 -15.17
C LEU A 29 -2.15 10.67 -15.44
N LEU A 30 -2.48 11.47 -14.42
CA LEU A 30 -3.31 12.66 -14.53
C LEU A 30 -2.65 13.72 -15.44
N LEU A 31 -1.33 13.63 -15.63
CA LEU A 31 -0.50 14.50 -16.45
C LEU A 31 -0.07 13.80 -17.74
N GLY A 32 -0.43 12.53 -17.94
CA GLY A 32 -0.10 11.76 -19.12
C GLY A 32 1.27 11.06 -19.04
N LEU A 33 1.71 10.67 -17.84
CA LEU A 33 2.98 9.99 -17.59
C LEU A 33 2.67 8.73 -16.82
N ILE A 1 -6.55 -19.24 9.46
CA ILE A 1 -5.48 -19.68 10.37
C ILE A 1 -5.04 -18.41 11.09
N PRO A 2 -4.84 -18.41 12.43
CA PRO A 2 -4.41 -17.21 13.14
C PRO A 2 -2.98 -16.81 12.76
N SER A 3 -2.53 -15.65 13.22
CA SER A 3 -1.20 -15.09 12.98
C SER A 3 -0.95 -14.06 14.08
N SER A 4 0.31 -13.77 14.40
CA SER A 4 0.60 -12.78 15.44
C SER A 4 0.11 -11.41 14.96
N PRO A 5 -0.20 -10.48 15.88
CA PRO A 5 -0.66 -9.14 15.50
C PRO A 5 0.44 -8.41 14.72
N VAL A 6 1.71 -8.76 14.94
CA VAL A 6 2.84 -8.15 14.25
C VAL A 6 2.75 -8.47 12.75
N HIS A 7 2.52 -9.74 12.36
CA HIS A 7 2.41 -10.08 10.94
C HIS A 7 1.16 -9.41 10.35
N LEU A 8 0.06 -9.34 11.12
CA LEU A 8 -1.16 -8.70 10.64
C LEU A 8 -0.85 -7.23 10.36
N LYS A 9 -0.13 -6.56 11.26
CA LYS A 9 0.27 -5.16 11.13
C LYS A 9 1.15 -5.02 9.90
N ARG A 10 2.15 -5.90 9.74
CA ARG A 10 3.08 -5.93 8.63
C ARG A 10 2.36 -6.04 7.30
N LEU A 11 1.28 -6.84 7.21
CA LEU A 11 0.52 -7.02 5.99
C LEU A 11 -0.25 -5.75 5.73
N LYS A 12 -0.91 -5.21 6.75
CA LYS A 12 -1.66 -3.96 6.60
C LYS A 12 -0.73 -2.82 6.17
N LEU A 13 0.48 -2.77 6.72
CA LEU A 13 1.49 -1.75 6.43
C LEU A 13 1.94 -1.90 4.97
N LEU A 14 2.18 -3.13 4.52
CA LEU A 14 2.59 -3.41 3.15
C LEU A 14 1.50 -2.91 2.20
N LEU A 15 0.24 -3.24 2.50
CA LEU A 15 -0.89 -2.83 1.68
C LEU A 15 -1.02 -1.31 1.68
N LEU A 16 -0.82 -0.65 2.82
CA LEU A 16 -0.91 0.80 2.92
C LEU A 16 0.15 1.45 2.03
N LEU A 17 1.40 0.97 2.08
CA LEU A 17 2.46 1.52 1.26
C LEU A 17 2.15 1.30 -0.23
N LEU A 18 1.66 0.12 -0.59
CA LEU A 18 1.30 -0.20 -1.97
C LEU A 18 0.23 0.79 -2.42
N LEU A 19 -0.80 1.01 -1.60
CA LEU A 19 -1.90 1.93 -1.89
C LEU A 19 -1.36 3.35 -2.05
N LEU A 20 -0.42 3.77 -1.22
CA LEU A 20 0.17 5.11 -1.29
C LEU A 20 0.87 5.29 -2.63
N ILE A 21 1.72 4.34 -3.03
CA ILE A 21 2.45 4.41 -4.30
C ILE A 21 1.44 4.36 -5.45
N LEU A 22 0.38 3.55 -5.35
CA LEU A 22 -0.64 3.45 -6.39
C LEU A 22 -1.30 4.81 -6.58
N LEU A 23 -1.71 5.43 -5.47
CA LEU A 23 -2.35 6.74 -5.43
C LEU A 23 -1.41 7.79 -6.05
N LEU A 24 -0.11 7.69 -5.76
CA LEU A 24 0.90 8.60 -6.29
C LEU A 24 0.91 8.49 -7.81
N ILE A 25 1.05 7.28 -8.32
CA ILE A 25 1.08 7.00 -9.77
C ILE A 25 -0.25 7.38 -10.43
N LEU A 26 -1.37 7.29 -9.71
CA LEU A 26 -2.68 7.67 -10.26
C LEU A 26 -2.67 9.17 -10.61
N GLY A 27 -1.69 9.95 -10.11
CA GLY A 27 -1.59 11.36 -10.40
C GLY A 27 -1.20 11.57 -11.86
N ALA A 28 -0.34 10.71 -12.42
CA ALA A 28 0.08 10.79 -13.81
C ALA A 28 -1.12 10.62 -14.74
N LEU A 29 -2.13 9.85 -14.32
CA LEU A 29 -3.34 9.61 -15.11
C LEU A 29 -4.16 10.91 -15.29
N LEU A 30 -3.84 11.98 -14.55
CA LEU A 30 -4.51 13.27 -14.62
C LEU A 30 -3.75 14.27 -15.49
N LEU A 31 -2.51 13.95 -15.91
CA LEU A 31 -1.66 14.80 -16.74
C LEU A 31 -1.28 14.15 -18.06
N GLY A 32 -1.23 12.82 -18.11
CA GLY A 32 -0.87 12.02 -19.28
C GLY A 32 0.60 11.61 -19.22
N LEU A 33 1.34 11.98 -18.17
CA LEU A 33 2.73 11.71 -17.88
C LEU A 33 2.88 11.81 -16.36
#